data_9L9W
#
_entry.id   9L9W
#
_cell.length_a   136.189
_cell.length_b   136.189
_cell.length_c   174.919
_cell.angle_alpha   90.000
_cell.angle_beta   90.000
_cell.angle_gamma   120.000
#
_symmetry.space_group_name_H-M   'P 32 2 1'
#
loop_
_entity.id
_entity.type
_entity.pdbx_description
1 polymer 'Piwi domain-containing protein'
2 polymer 'TIR domain-containing protein'
3 polymer "DNA (5'-D(P*TP*GP*AP*GP*GP*TP*AP*GP*TP*AP*GP*GP*TP*TP*GP*TP*AP*TP*AP*GP*T)-3')"
4 polymer "DNA (5'-D(*T*AP*TP*AP*CP*AP*AP*CP*CP*TP*AP*CP*TP*AP*CP*CP*TP*CP*AP*T)-3')"
5 non-polymer 'MAGNESIUM ION'
#
loop_
_entity_poly.entity_id
_entity_poly.type
_entity_poly.pdbx_seq_one_letter_code
_entity_poly.pdbx_strand_id
1 'polypeptide(L)'
;MKELIYIEEPSILFAHGQKCTDPRDGLALFGPLNQIYGIKSGVVGTQKGLQIFKSYLDKIQKPIYNHNNITRPMFPGFEA
VFGCKWESQNIVFKEITDEEIRRYLFNASTHKRTYDLVTLFNDKIITANKNDEERVDVWFVIVPEEIYKYCRPNSVLPNE
LVQTKSLISKSKAKSFRYTPTLFEEFNKKLKEVEKEAKTYNYDAQFHDQLKARLLEHTIPTQILRESTLAWRDFKNTFGA
PIRDFSKIEGHLAWTISTAAYYKAGGKPWKLGDIRPGVCYLGLVYKKIEKSKNPQNACCAAQMFLDNGDGTVFKGEVGPW
YNPEKGEYHLKPKEAKALLTQALESYKEQNKSYPKEVFIHARTRFNDEEWNAFNEVTPKNTNLVGVTITKSKPLKLYKTE
GAFPIMRGNAYIVDEKKAFLWTLGFVPKLQSTLSMEVPNPIFIEINKGEAEIQQVLKDILALTKLNYNACIYADGEPVTL
RFANKIGEILTASTEIKTPPLAFKYYI
;
A
2 'polypeptide(L)'
;MRNKIFISHATPEDDDFTRWLSLKLIGLGYEVWCDILFLDKGVDFWSTIEKEIRENTCKFLIVSSTAGNKREGVLKELAV
ATKVKKHLQDDMFIIPLAIDENLSYDDINIEIVRLNAIDFKKSWAKGLQDLLDAFEKQNVPKKPPDHSKSNLLYQQIFLH
DKQAIEKEETYDSNWFPIISFPNELRFHRYDWRLPKQFDVRTLAFPAIRYKEYLCTFAWEYDFIHQLPKTETYNGQESIR
ISTSDILSGRYDTDFIRNYECQRLIVQLINKAFELRMKDKNVREYQMSKTFAYWIEKGKLEKDKFEKIKLVGKQKNKYWH
FGISAAGKLYPSPVLMVSSHIIFTMDGINLIKSKSIQHSSRRKQGKNWWNDKWREKLLAFIRFLSDDQNAIYLNVGSEEK
ILISNKPLKFFGKMSYVTPSE
;
B
3 'polydeoxyribonucleotide'
;(DT)(DG)(DA)(DG)(DG)(DT)(DA)(DG)(DT)(DA)(DG)(DG)(DT)(DT)(DG)(DT)(DA)(DT)(DA)(DG)
(DT)
;
C
4 'polydeoxyribonucleotide' (DT)(DA)(DT)(DA)(DC)(DA)(DA)(DC)(DC)(DT)(DA)(DC)(DT)(DA)(DC)(DC)(DT)(DC)(DA)(DT) D
#
loop_
_chem_comp.id
_chem_comp.type
_chem_comp.name
_chem_comp.formula
DA DNA linking 2'-DEOXYADENOSINE-5'-MONOPHOSPHATE 'C10 H14 N5 O6 P'
DC DNA linking 2'-DEOXYCYTIDINE-5'-MONOPHOSPHATE 'C9 H14 N3 O7 P'
DG DNA linking 2'-DEOXYGUANOSINE-5'-MONOPHOSPHATE 'C10 H14 N5 O7 P'
DT DNA linking THYMIDINE-5'-MONOPHOSPHATE 'C10 H15 N2 O8 P'
MG non-polymer 'MAGNESIUM ION' 'Mg 2'
#
# COMPACT_ATOMS: atom_id res chain seq x y z
N MET A 1 -12.32 -27.01 6.30
CA MET A 1 -12.67 -25.65 5.93
C MET A 1 -12.39 -24.73 7.10
N LYS A 2 -11.21 -24.13 7.14
CA LYS A 2 -10.91 -23.17 8.19
C LYS A 2 -11.82 -21.95 8.07
N GLU A 3 -11.79 -21.12 9.11
CA GLU A 3 -12.69 -19.99 9.25
C GLU A 3 -11.89 -18.72 9.50
N LEU A 4 -12.30 -17.63 8.86
CA LEU A 4 -11.66 -16.33 9.04
C LEU A 4 -12.46 -15.50 10.03
N ILE A 5 -11.75 -14.97 11.02
CA ILE A 5 -12.36 -13.87 11.76
C ILE A 5 -12.07 -12.63 10.96
N TYR A 6 -12.62 -11.54 11.45
CA TYR A 6 -12.56 -10.28 10.75
C TYR A 6 -12.14 -9.22 11.73
N ILE A 7 -11.35 -8.29 11.23
CA ILE A 7 -10.91 -7.18 12.03
C ILE A 7 -11.63 -5.93 11.57
N GLU A 8 -12.37 -5.35 12.52
CA GLU A 8 -13.03 -4.08 12.30
C GLU A 8 -12.01 -3.03 11.91
N GLU A 9 -12.39 -2.25 10.96
CA GLU A 9 -11.46 -1.28 10.42
C GLU A 9 -11.14 -0.21 11.43
N PRO A 10 -9.87 0.00 11.72
CA PRO A 10 -9.49 1.00 12.72
C PRO A 10 -9.93 2.36 12.29
N SER A 11 -10.24 3.17 13.28
CA SER A 11 -10.76 4.51 13.05
C SER A 11 -9.66 5.49 13.39
N ILE A 12 -9.40 6.38 12.46
CA ILE A 12 -8.45 7.49 12.60
C ILE A 12 -9.22 8.77 12.88
N LEU A 13 -8.74 9.59 13.82
CA LEU A 13 -9.50 10.74 14.33
C LEU A 13 -8.96 12.06 13.78
N PHE A 14 -9.87 12.89 13.33
CA PHE A 14 -9.57 14.17 12.71
C PHE A 14 -10.17 15.28 13.55
N ALA A 15 -10.16 16.49 12.99
CA ALA A 15 -10.66 17.66 13.69
C ALA A 15 -12.00 17.42 14.39
N HIS A 16 -12.09 17.97 15.60
CA HIS A 16 -13.24 17.86 16.51
C HIS A 16 -13.46 16.43 16.99
N GLY A 17 -12.39 15.67 17.18
CA GLY A 17 -12.50 14.32 17.68
C GLY A 17 -13.46 13.47 16.88
N GLN A 18 -13.64 13.77 15.63
CA GLN A 18 -14.54 12.96 14.82
C GLN A 18 -13.68 12.07 13.96
N LYS A 19 -13.93 10.77 14.07
CA LYS A 19 -13.12 9.76 13.46
C LYS A 19 -13.95 9.02 12.42
N CYS A 20 -13.31 8.72 11.28
CA CYS A 20 -13.90 7.86 10.27
C CYS A 20 -12.77 7.00 9.71
N THR A 21 -12.91 6.55 8.48
CA THR A 21 -11.98 5.54 7.98
C THR A 21 -11.12 5.97 6.81
N ASP A 22 -11.47 7.03 6.12
CA ASP A 22 -10.68 7.44 4.96
C ASP A 22 -10.08 8.81 5.23
N PRO A 23 -8.76 8.93 5.40
CA PRO A 23 -8.20 10.27 5.66
C PRO A 23 -8.69 11.29 4.65
N ARG A 24 -8.56 10.97 3.37
CA ARG A 24 -9.12 11.81 2.32
C ARG A 24 -10.51 12.30 2.68
N ASP A 25 -11.35 11.42 3.22
CA ASP A 25 -12.70 11.85 3.59
C ASP A 25 -12.75 12.50 4.96
N GLY A 26 -11.88 12.08 5.87
CA GLY A 26 -11.88 12.67 7.19
C GLY A 26 -11.39 14.11 7.18
N LEU A 27 -10.35 14.38 6.41
CA LEU A 27 -9.84 15.74 6.29
C LEU A 27 -10.82 16.62 5.56
N ALA A 28 -11.39 16.09 4.47
CA ALA A 28 -12.35 16.83 3.67
C ALA A 28 -13.57 17.19 4.50
N LEU A 29 -14.01 16.27 5.34
CA LEU A 29 -15.19 16.52 6.12
C LEU A 29 -14.92 17.53 7.21
N PHE A 30 -13.84 17.35 7.94
CA PHE A 30 -13.57 18.14 9.12
C PHE A 30 -12.24 18.85 9.08
N GLY A 31 -11.30 18.37 8.29
CA GLY A 31 -9.98 18.92 8.31
C GLY A 31 -9.05 18.17 9.23
N PRO A 32 -7.93 18.79 9.55
CA PRO A 32 -6.82 18.08 10.20
C PRO A 32 -6.97 18.01 11.71
N LEU A 33 -6.14 17.14 12.31
CA LEU A 33 -6.25 16.91 13.74
C LEU A 33 -5.94 18.19 14.52
N ASN A 34 -4.84 18.88 14.15
CA ASN A 34 -4.44 20.19 14.67
C ASN A 34 -4.30 21.19 13.53
N GLN A 35 -5.33 22.02 13.31
CA GLN A 35 -5.23 23.05 12.30
C GLN A 35 -4.04 23.97 12.61
N ILE A 36 -3.37 24.43 11.53
CA ILE A 36 -2.09 25.14 11.65
C ILE A 36 -2.13 26.52 10.98
N TYR A 37 -1.34 27.42 11.55
CA TYR A 37 -1.06 28.71 10.95
C TYR A 37 -0.41 28.50 9.59
N GLY A 38 -0.70 29.38 8.64
CA GLY A 38 -0.51 29.02 7.24
C GLY A 38 0.91 28.59 6.91
N ILE A 39 1.02 27.61 6.02
CA ILE A 39 2.34 27.16 5.62
C ILE A 39 3.04 28.26 4.84
N LYS A 40 4.22 28.63 5.31
CA LYS A 40 5.19 29.40 4.54
C LYS A 40 5.97 28.35 3.77
N SER A 41 6.06 28.54 2.46
CA SER A 41 6.62 27.54 1.60
C SER A 41 7.85 28.14 0.94
N GLY A 42 8.96 27.42 0.97
CA GLY A 42 10.18 27.90 0.37
C GLY A 42 10.56 27.00 -0.79
N VAL A 43 11.16 27.61 -1.80
CA VAL A 43 11.41 26.87 -3.03
C VAL A 43 12.90 26.86 -3.33
N VAL A 44 13.39 25.71 -3.79
CA VAL A 44 14.78 25.51 -4.18
C VAL A 44 14.81 24.89 -5.56
N GLY A 45 14.50 25.68 -6.57
CA GLY A 45 14.50 25.20 -7.93
C GLY A 45 14.75 26.29 -8.94
N THR A 46 14.63 25.90 -10.21
CA THR A 46 14.84 26.81 -11.33
C THR A 46 13.78 27.89 -11.30
N GLN A 47 14.11 29.04 -11.91
CA GLN A 47 13.08 30.04 -12.08
C GLN A 47 11.83 29.41 -12.66
N LYS A 48 11.98 28.38 -13.52
CA LYS A 48 10.81 27.66 -14.01
C LYS A 48 10.18 26.79 -12.92
N GLY A 49 11.04 26.18 -12.08
CA GLY A 49 10.53 25.46 -10.92
C GLY A 49 9.53 26.26 -10.10
N LEU A 50 9.67 27.62 -10.05
CA LEU A 50 8.71 28.40 -9.27
C LEU A 50 7.36 28.44 -9.97
N GLN A 51 7.36 28.80 -11.25
CA GLN A 51 6.11 28.98 -11.95
C GLN A 51 5.32 27.70 -11.92
N ILE A 52 6.05 26.59 -12.01
CA ILE A 52 5.40 25.30 -11.86
C ILE A 52 4.89 25.13 -10.44
N PHE A 53 5.75 25.43 -9.46
CA PHE A 53 5.33 25.29 -8.08
C PHE A 53 4.24 26.28 -7.76
N LYS A 54 4.29 27.47 -8.38
CA LYS A 54 3.15 28.36 -8.29
C LYS A 54 1.95 27.81 -9.05
N SER A 55 2.19 27.05 -10.11
CA SER A 55 1.06 26.49 -10.82
C SER A 55 0.26 25.60 -9.89
N TYR A 56 0.96 24.82 -9.09
CA TYR A 56 0.26 23.84 -8.28
C TYR A 56 -0.48 24.51 -7.11
N LEU A 57 0.22 25.39 -6.37
CA LEU A 57 -0.41 26.13 -5.28
C LEU A 57 -1.66 26.85 -5.76
N ASP A 58 -1.57 27.59 -6.86
CA ASP A 58 -2.81 28.05 -7.44
C ASP A 58 -3.70 26.88 -7.81
N LYS A 59 -3.13 25.79 -8.33
CA LYS A 59 -4.01 24.73 -8.82
C LYS A 59 -4.79 24.09 -7.69
N ILE A 60 -4.16 23.79 -6.55
CA ILE A 60 -4.84 22.99 -5.52
C ILE A 60 -5.69 23.82 -4.57
N GLN A 61 -5.76 25.14 -4.80
CA GLN A 61 -6.75 25.94 -4.08
C GLN A 61 -8.17 25.58 -4.52
N LYS A 62 -8.37 25.39 -5.83
CA LYS A 62 -9.60 24.92 -6.48
C LYS A 62 -9.67 23.40 -6.38
N PRO A 63 -10.87 22.83 -6.41
CA PRO A 63 -10.97 21.37 -6.38
C PRO A 63 -10.42 20.75 -7.65
N ILE A 64 -9.90 19.54 -7.51
CA ILE A 64 -9.34 18.76 -8.61
C ILE A 64 -9.80 17.34 -8.42
N TYR A 65 -10.32 16.74 -9.46
CA TYR A 65 -11.05 15.49 -9.30
C TYR A 65 -10.28 14.30 -9.84
N ASN A 66 -10.56 13.16 -9.26
CA ASN A 66 -9.94 11.99 -9.81
C ASN A 66 -10.81 11.43 -10.92
N HIS A 67 -10.37 10.33 -11.52
CA HIS A 67 -11.12 9.71 -12.61
C HIS A 67 -12.50 9.27 -12.13
N ASN A 68 -12.52 8.52 -11.04
CA ASN A 68 -13.73 8.09 -10.37
C ASN A 68 -13.51 8.36 -8.89
N ASN A 69 -14.39 9.18 -8.30
CA ASN A 69 -14.10 9.85 -7.04
C ASN A 69 -14.67 9.11 -5.84
N ILE A 70 -15.13 7.89 -6.08
CA ILE A 70 -15.47 6.91 -5.07
C ILE A 70 -14.24 6.09 -4.66
N THR A 71 -13.64 5.40 -5.65
CA THR A 71 -12.42 4.63 -5.38
C THR A 71 -11.29 5.54 -4.97
N ARG A 72 -11.35 6.80 -5.40
CA ARG A 72 -10.40 7.82 -4.97
C ARG A 72 -11.22 9.08 -4.69
N PRO A 73 -11.38 9.46 -3.42
CA PRO A 73 -12.07 10.73 -3.10
C PRO A 73 -11.43 11.95 -3.74
N MET A 74 -12.28 12.86 -4.18
CA MET A 74 -11.77 14.13 -4.69
C MET A 74 -11.08 14.93 -3.61
N PHE A 75 -10.37 15.95 -4.07
CA PHE A 75 -9.58 16.87 -3.25
C PHE A 75 -10.30 18.21 -3.32
N PRO A 76 -11.11 18.53 -2.33
CA PRO A 76 -11.89 19.78 -2.34
C PRO A 76 -11.14 21.09 -2.63
N GLY A 77 -9.83 21.19 -2.34
CA GLY A 77 -9.14 22.47 -2.40
C GLY A 77 -8.40 22.69 -1.11
N PHE A 78 -7.09 23.04 -1.16
CA PHE A 78 -6.30 23.06 0.07
C PHE A 78 -7.07 23.74 1.19
N GLU A 79 -7.52 24.96 0.95
CA GLU A 79 -8.13 25.68 2.05
C GLU A 79 -9.36 24.97 2.58
N ALA A 80 -10.21 24.44 1.69
CA ALA A 80 -11.36 23.70 2.18
C ALA A 80 -10.96 22.50 3.02
N VAL A 81 -9.91 21.81 2.61
CA VAL A 81 -9.59 20.53 3.21
C VAL A 81 -8.96 20.72 4.58
N PHE A 82 -7.92 21.53 4.64
CA PHE A 82 -7.12 21.71 5.82
C PHE A 82 -7.46 23.01 6.55
N GLY A 83 -8.45 23.77 6.06
CA GLY A 83 -8.85 25.00 6.74
C GLY A 83 -7.72 25.98 6.98
N CYS A 84 -6.71 26.00 6.10
CA CYS A 84 -5.62 26.99 6.15
C CYS A 84 -5.03 27.19 4.75
N LYS A 85 -4.37 28.35 4.57
CA LYS A 85 -3.86 28.75 3.27
C LYS A 85 -2.41 28.33 3.06
N TRP A 86 -2.18 27.62 1.97
CA TRP A 86 -0.86 27.32 1.48
C TRP A 86 -0.68 28.17 0.25
N GLU A 87 -0.31 29.43 0.46
CA GLU A 87 -0.42 30.48 -0.56
C GLU A 87 0.75 30.48 -1.54
N SER A 88 0.43 30.73 -2.82
CA SER A 88 1.47 30.94 -3.83
C SER A 88 1.97 32.36 -3.85
N GLN A 89 1.17 33.32 -3.38
CA GLN A 89 1.67 34.67 -3.20
C GLN A 89 2.85 34.68 -2.24
N ASN A 90 2.81 33.81 -1.23
CA ASN A 90 3.74 33.85 -0.11
C ASN A 90 4.79 32.77 -0.33
N ILE A 91 5.79 33.09 -1.13
CA ILE A 91 6.83 32.13 -1.48
C ILE A 91 8.17 32.73 -1.11
N VAL A 92 9.04 31.88 -0.61
CA VAL A 92 10.36 32.27 -0.21
C VAL A 92 11.33 31.46 -1.06
N PHE A 93 11.79 32.08 -2.12
CA PHE A 93 12.53 31.38 -3.15
C PHE A 93 14.04 31.48 -2.96
N LYS A 94 14.79 30.36 -3.08
CA LYS A 94 16.24 30.36 -3.28
C LYS A 94 16.47 29.79 -4.67
N GLU A 95 16.92 30.65 -5.56
CA GLU A 95 17.04 30.27 -6.94
C GLU A 95 18.18 29.29 -7.17
N ILE A 96 18.01 28.51 -8.22
CA ILE A 96 19.12 27.81 -8.85
C ILE A 96 19.00 28.09 -10.35
N THR A 97 20.15 28.21 -11.03
CA THR A 97 20.17 28.49 -12.46
C THR A 97 20.80 27.34 -13.22
N ASP A 98 20.38 27.24 -14.49
CA ASP A 98 20.94 26.26 -15.42
C ASP A 98 22.47 26.31 -15.41
N GLU A 99 23.02 27.54 -15.33
CA GLU A 99 24.45 27.68 -15.19
C GLU A 99 24.96 26.89 -14.00
N GLU A 100 24.25 26.99 -12.86
CA GLU A 100 24.57 26.13 -11.74
C GLU A 100 24.26 24.67 -12.06
N ILE A 101 23.11 24.41 -12.68
CA ILE A 101 22.76 23.04 -13.03
C ILE A 101 23.80 22.47 -13.99
N ARG A 102 24.04 23.15 -15.12
CA ARG A 102 24.99 22.65 -16.10
C ARG A 102 26.38 22.46 -15.50
N ARG A 103 26.88 23.44 -14.76
CA ARG A 103 28.24 23.40 -14.20
C ARG A 103 28.45 22.17 -13.32
N TYR A 104 27.52 21.91 -12.38
CA TYR A 104 27.70 20.78 -11.46
C TYR A 104 27.19 19.45 -12.03
N LEU A 105 26.15 19.49 -12.88
CA LEU A 105 25.53 18.25 -13.35
C LEU A 105 26.43 17.47 -14.32
N PHE A 106 27.21 18.15 -15.17
CA PHE A 106 27.77 17.45 -16.33
C PHE A 106 28.96 16.54 -16.01
N ASN A 107 29.46 16.51 -14.77
CA ASN A 107 30.60 15.68 -14.40
C ASN A 107 30.46 14.22 -14.88
N ALA A 108 31.60 13.62 -15.25
CA ALA A 108 31.60 12.25 -15.76
C ALA A 108 31.06 11.26 -14.72
N SER A 109 31.54 11.36 -13.48
CA SER A 109 30.98 10.52 -12.43
C SER A 109 29.54 10.92 -12.14
N THR A 110 28.69 9.92 -11.95
CA THR A 110 27.39 10.20 -11.37
C THR A 110 27.55 10.75 -9.95
N HIS A 111 28.39 10.11 -9.12
CA HIS A 111 28.43 10.45 -7.70
C HIS A 111 28.96 11.86 -7.48
N LYS A 112 30.09 12.19 -8.12
CA LYS A 112 30.58 13.56 -8.02
C LYS A 112 29.60 14.54 -8.65
N ARG A 113 28.89 14.12 -9.69
CA ARG A 113 27.76 14.92 -10.17
C ARG A 113 26.67 14.97 -9.10
N THR A 114 26.32 13.81 -8.53
CA THR A 114 25.25 13.75 -7.54
C THR A 114 25.61 14.53 -6.30
N TYR A 115 26.63 14.06 -5.58
CA TYR A 115 26.94 14.65 -4.29
C TYR A 115 27.00 16.18 -4.35
N ASP A 116 27.31 16.75 -5.51
CA ASP A 116 27.59 18.19 -5.60
C ASP A 116 26.35 19.03 -5.86
N LEU A 117 25.47 18.61 -6.76
CA LEU A 117 24.16 19.23 -6.81
C LEU A 117 23.48 19.16 -5.45
N VAL A 118 23.59 18.02 -4.77
CA VAL A 118 23.02 17.88 -3.43
C VAL A 118 23.59 18.94 -2.50
N THR A 119 24.92 19.10 -2.52
CA THR A 119 25.52 20.16 -1.71
C THR A 119 25.09 21.54 -2.20
N LEU A 120 24.87 21.70 -3.51
CA LEU A 120 24.33 22.96 -4.03
C LEU A 120 23.00 23.29 -3.36
N PHE A 121 22.02 22.39 -3.48
CA PHE A 121 20.70 22.69 -2.92
C PHE A 121 20.77 22.96 -1.42
N ASN A 122 21.53 22.15 -0.67
CA ASN A 122 21.58 22.34 0.76
C ASN A 122 22.09 23.73 1.12
N ASP A 123 23.24 24.11 0.59
CA ASP A 123 23.70 25.47 0.78
C ASP A 123 22.60 26.46 0.43
N LYS A 124 21.94 26.27 -0.72
CA LYS A 124 20.81 27.13 -1.06
C LYS A 124 19.71 27.05 -0.01
N ILE A 125 19.43 25.83 0.48
CA ILE A 125 18.46 25.65 1.56
C ILE A 125 19.02 26.19 2.87
N ILE A 126 20.17 25.65 3.31
CA ILE A 126 20.74 25.97 4.63
C ILE A 126 21.00 27.45 4.75
N THR A 127 21.56 28.06 3.69
CA THR A 127 21.72 29.51 3.69
C THR A 127 20.37 30.18 3.92
N ALA A 128 19.35 29.78 3.19
CA ALA A 128 18.06 30.41 3.45
C ALA A 128 17.55 30.06 4.85
N ASN A 129 17.66 28.81 5.27
CA ASN A 129 17.09 28.44 6.58
C ASN A 129 17.85 29.09 7.73
N LYS A 130 19.17 28.89 7.78
CA LYS A 130 19.96 29.41 8.88
C LYS A 130 19.96 30.94 8.90
N ASN A 131 20.27 31.56 7.75
CA ASN A 131 20.45 33.02 7.73
C ASN A 131 19.14 33.79 7.91
N ASP A 132 18.04 33.28 7.35
CA ASP A 132 16.73 33.95 7.26
C ASP A 132 16.17 34.30 8.60
N GLU A 133 15.92 35.60 8.79
CA GLU A 133 14.96 36.09 9.77
C GLU A 133 13.59 35.53 9.49
N GLU A 134 13.06 35.81 8.30
CA GLU A 134 11.84 35.16 7.87
C GLU A 134 11.91 33.66 7.98
N ARG A 135 10.78 33.07 8.11
CA ARG A 135 10.65 31.65 8.44
C ARG A 135 9.77 30.91 7.41
N VAL A 136 10.29 29.78 6.93
CA VAL A 136 9.62 28.93 5.97
C VAL A 136 9.27 27.64 6.70
N ASP A 137 8.03 27.20 6.51
CA ASP A 137 7.53 26.01 7.17
C ASP A 137 8.04 24.74 6.49
N VAL A 138 7.97 24.66 5.15
CA VAL A 138 8.55 23.54 4.42
C VAL A 138 9.37 24.03 3.23
N TRP A 139 10.53 23.39 3.03
CA TRP A 139 11.37 23.63 1.86
C TRP A 139 11.02 22.60 0.81
N PHE A 140 10.69 23.08 -0.37
CA PHE A 140 10.21 22.26 -1.47
C PHE A 140 11.30 22.24 -2.52
N VAL A 141 11.88 21.09 -2.71
CA VAL A 141 12.93 20.92 -3.70
C VAL A 141 12.21 20.60 -5.01
N ILE A 142 12.14 21.54 -5.95
CA ILE A 142 11.44 21.33 -7.23
C ILE A 142 12.46 20.91 -8.27
N VAL A 143 12.60 19.59 -8.49
CA VAL A 143 13.63 18.94 -9.30
C VAL A 143 13.30 19.04 -10.78
N PRO A 144 14.01 19.90 -11.52
CA PRO A 144 14.01 19.77 -12.98
C PRO A 144 14.31 18.35 -13.42
N GLU A 145 13.62 17.94 -14.49
CA GLU A 145 13.77 16.57 -14.96
C GLU A 145 15.23 16.21 -15.15
N GLU A 146 16.00 17.16 -15.70
CA GLU A 146 17.41 16.90 -15.94
C GLU A 146 18.11 16.31 -14.72
N ILE A 147 17.66 16.68 -13.52
CA ILE A 147 18.29 16.13 -12.30
C ILE A 147 17.83 14.70 -12.07
N TYR A 148 16.52 14.52 -11.88
CA TYR A 148 15.97 13.19 -11.65
C TYR A 148 16.49 12.21 -12.69
N LYS A 149 16.69 12.69 -13.92
CA LYS A 149 17.08 11.80 -14.99
C LYS A 149 18.44 11.18 -14.76
N TYR A 150 19.40 11.97 -14.30
CA TYR A 150 20.79 11.55 -14.34
C TYR A 150 21.42 11.28 -12.98
N CYS A 151 20.71 11.56 -11.91
CA CYS A 151 21.30 11.59 -10.57
C CYS A 151 21.08 10.31 -9.81
N ARG A 152 21.03 9.18 -10.50
CA ARG A 152 20.95 7.92 -9.83
C ARG A 152 22.06 7.00 -10.34
N PRO A 153 22.57 6.07 -9.50
CA PRO A 153 23.43 5.00 -10.02
C PRO A 153 22.71 4.26 -11.15
N ASN A 154 23.48 3.75 -12.13
CA ASN A 154 22.98 2.92 -13.28
C ASN A 154 22.32 3.78 -14.36
N SER A 155 22.33 5.12 -14.26
CA SER A 155 21.88 6.01 -15.32
C SER A 155 23.10 6.68 -15.94
N VAL A 156 23.32 6.44 -17.22
CA VAL A 156 24.59 6.72 -17.88
C VAL A 156 24.40 7.95 -18.76
N LEU A 157 24.88 9.09 -18.30
CA LEU A 157 24.92 10.24 -19.18
C LEU A 157 25.92 9.92 -20.29
N PRO A 158 25.58 10.18 -21.55
CA PRO A 158 26.46 9.81 -22.66
C PRO A 158 27.85 10.40 -22.50
N ASN A 159 28.85 9.76 -23.14
CA ASN A 159 30.23 10.24 -23.10
C ASN A 159 30.38 11.52 -23.93
N GLU A 160 29.29 11.99 -24.55
CA GLU A 160 29.28 13.19 -25.40
C GLU A 160 28.54 14.37 -24.76
N LEU A 161 28.33 14.32 -23.44
CA LEU A 161 27.91 15.48 -22.63
C LEU A 161 28.87 15.82 -21.47
N VAL A 162 29.87 15.00 -21.15
CA VAL A 162 30.72 15.19 -19.97
C VAL A 162 31.75 16.28 -20.27
N GLN A 163 31.84 17.31 -19.41
CA GLN A 163 32.87 18.31 -19.65
C GLN A 163 34.19 17.92 -18.98
N THR A 164 34.17 17.25 -17.82
CA THR A 164 35.40 16.83 -17.17
C THR A 164 35.44 15.31 -17.05
N LYS A 165 36.53 14.70 -17.52
CA LYS A 165 36.73 13.27 -17.31
C LYS A 165 36.84 13.01 -15.80
N SER A 166 36.30 11.86 -15.36
CA SER A 166 36.23 11.56 -13.92
C SER A 166 37.61 11.67 -13.26
N LEU A 167 37.64 12.30 -12.08
CA LEU A 167 38.91 12.50 -11.39
C LEU A 167 39.55 11.16 -11.01
N ILE A 168 38.73 10.16 -10.63
CA ILE A 168 39.18 8.76 -10.50
C ILE A 168 37.99 7.84 -10.80
N SER A 169 38.28 6.63 -11.28
CA SER A 169 37.25 5.61 -11.57
C SER A 169 36.77 4.91 -10.29
N ASP A 203 24.01 7.20 -0.56
CA ASP A 203 24.76 6.68 -1.69
C ASP A 203 24.77 7.66 -2.85
N ALA A 204 24.07 7.31 -3.93
CA ALA A 204 24.05 8.11 -5.14
C ALA A 204 22.61 8.42 -5.58
N GLN A 205 21.64 8.20 -4.72
CA GLN A 205 20.28 8.67 -4.98
C GLN A 205 20.15 10.09 -4.44
N PHE A 206 19.80 11.02 -5.32
CA PHE A 206 20.01 12.44 -5.07
C PHE A 206 19.10 12.94 -3.96
N HIS A 207 17.82 12.56 -4.05
CA HIS A 207 16.83 13.07 -3.12
C HIS A 207 17.09 12.52 -1.72
N ASP A 208 17.26 11.18 -1.59
CA ASP A 208 17.46 10.60 -0.25
C ASP A 208 18.69 11.21 0.40
N GLN A 209 19.75 11.39 -0.39
CA GLN A 209 20.93 12.12 0.03
C GLN A 209 20.58 13.54 0.44
N LEU A 210 19.77 14.22 -0.38
CA LEU A 210 19.36 15.57 0.00
C LEU A 210 18.78 15.58 1.40
N LYS A 211 17.90 14.62 1.70
CA LYS A 211 17.34 14.53 3.05
C LYS A 211 18.42 14.19 4.06
N ALA A 212 19.34 13.33 3.67
CA ALA A 212 20.31 12.83 4.64
C ALA A 212 21.32 13.89 5.02
N ARG A 213 21.73 14.73 4.05
CA ARG A 213 22.72 15.75 4.39
C ARG A 213 22.07 16.88 5.17
N LEU A 214 20.87 17.29 4.78
CA LEU A 214 20.09 18.16 5.63
C LEU A 214 19.68 17.51 6.94
N LEU A 215 20.13 16.30 7.24
CA LEU A 215 19.61 15.59 8.42
C LEU A 215 20.10 16.20 9.73
N GLU A 216 21.37 16.64 9.77
CA GLU A 216 21.97 17.06 11.04
C GLU A 216 21.28 18.31 11.59
N HIS A 217 20.96 19.27 10.69
CA HIS A 217 20.18 20.46 11.00
C HIS A 217 18.74 20.30 10.48
N THR A 218 17.80 20.20 11.42
CA THR A 218 16.45 19.72 11.15
C THR A 218 15.67 20.74 10.33
N ILE A 219 15.35 20.32 9.09
CA ILE A 219 14.58 21.11 8.12
C ILE A 219 13.70 20.25 7.33
N PRO A 220 12.44 20.51 7.20
CA PRO A 220 11.53 19.70 6.43
C PRO A 220 11.76 19.85 4.94
N THR A 221 12.06 18.75 4.29
CA THR A 221 12.37 18.71 2.87
C THR A 221 11.26 17.96 2.15
N GLN A 222 10.47 18.66 1.36
CA GLN A 222 9.52 17.96 0.52
C GLN A 222 10.02 18.07 -0.89
N ILE A 223 10.22 16.95 -1.51
CA ILE A 223 10.87 16.91 -2.81
C ILE A 223 9.84 16.58 -3.87
N LEU A 224 9.77 17.43 -4.90
CA LEU A 224 8.83 17.33 -5.98
C LEU A 224 9.57 17.28 -7.31
N ARG A 225 8.96 16.70 -8.32
CA ARG A 225 9.53 16.70 -9.65
C ARG A 225 8.80 17.70 -10.55
N GLU A 226 9.60 18.45 -11.33
CA GLU A 226 9.00 19.37 -12.27
C GLU A 226 8.00 18.66 -13.17
N SER A 227 8.31 17.43 -13.59
CA SER A 227 7.35 16.75 -14.45
C SER A 227 6.02 16.58 -13.73
N THR A 228 6.03 16.20 -12.48
CA THR A 228 4.76 15.87 -11.84
C THR A 228 3.87 17.09 -11.68
N LEU A 229 4.40 18.23 -11.25
CA LEU A 229 3.52 19.36 -10.95
C LEU A 229 3.00 20.02 -12.21
N ALA A 230 3.65 19.77 -13.34
CA ALA A 230 3.30 20.41 -14.61
C ALA A 230 3.19 19.38 -15.72
N TRP A 231 2.58 18.24 -15.43
CA TRP A 231 2.70 17.05 -16.27
C TRP A 231 2.04 17.19 -17.65
N ARG A 232 1.14 18.17 -17.84
CA ARG A 232 0.58 18.42 -19.15
C ARG A 232 1.40 19.40 -19.97
N ASP A 233 2.41 20.01 -19.37
CA ASP A 233 3.33 20.89 -20.07
C ASP A 233 4.64 20.18 -20.40
N PHE A 234 4.67 18.85 -20.28
CA PHE A 234 5.83 18.01 -20.57
C PHE A 234 5.35 16.99 -21.61
N LYS A 235 4.99 17.48 -22.79
CA LYS A 235 4.60 16.61 -23.87
C LYS A 235 5.79 15.78 -24.34
N ASN A 236 5.49 14.60 -24.92
CA ASN A 236 6.47 13.71 -25.56
C ASN A 236 6.60 14.08 -27.04
N THR A 237 7.32 13.25 -27.82
CA THR A 237 7.52 13.55 -29.23
C THR A 237 6.19 13.53 -29.97
N PHE A 238 5.30 12.59 -29.60
CA PHE A 238 3.98 12.53 -30.20
C PHE A 238 3.13 13.75 -29.92
N GLY A 239 3.42 14.50 -28.86
CA GLY A 239 2.59 15.63 -28.49
C GLY A 239 1.60 15.36 -27.37
N ALA A 240 1.40 14.09 -27.00
CA ALA A 240 0.77 13.79 -25.74
C ALA A 240 1.80 13.89 -24.60
N PRO A 241 1.34 14.08 -23.36
CA PRO A 241 2.27 14.18 -22.21
C PRO A 241 2.96 12.86 -21.89
N ILE A 242 4.26 12.94 -21.56
CA ILE A 242 5.02 11.69 -21.42
C ILE A 242 4.38 10.78 -20.38
N ARG A 243 3.98 11.36 -19.27
CA ARG A 243 3.24 10.67 -18.24
C ARG A 243 1.95 11.45 -18.05
N ASP A 244 0.83 10.73 -18.07
CA ASP A 244 -0.49 11.34 -18.16
C ASP A 244 -1.22 11.01 -16.86
N PHE A 245 -1.63 12.06 -16.15
CA PHE A 245 -2.12 11.95 -14.78
C PHE A 245 -3.56 12.43 -14.64
N SER A 246 -4.26 12.62 -15.77
CA SER A 246 -5.65 13.08 -15.72
C SER A 246 -6.50 12.15 -14.89
N LYS A 247 -6.13 10.88 -14.80
CA LYS A 247 -6.95 9.94 -14.05
C LYS A 247 -6.89 10.23 -12.56
N ILE A 248 -5.78 10.76 -12.07
CA ILE A 248 -5.57 10.72 -10.62
C ILE A 248 -5.14 12.10 -10.05
N GLU A 249 -5.48 13.20 -10.75
CA GLU A 249 -4.77 14.45 -10.52
C GLU A 249 -5.06 15.01 -9.13
N GLY A 250 -6.29 14.84 -8.65
CA GLY A 250 -6.59 15.24 -7.29
C GLY A 250 -5.93 14.33 -6.27
N HIS A 251 -5.85 13.02 -6.55
CA HIS A 251 -5.13 12.14 -5.64
C HIS A 251 -3.73 12.69 -5.37
N LEU A 252 -3.03 13.14 -6.42
CA LEU A 252 -1.76 13.80 -6.20
C LEU A 252 -1.89 14.87 -5.13
N ALA A 253 -2.80 15.83 -5.32
CA ALA A 253 -2.91 16.88 -4.32
C ALA A 253 -3.14 16.29 -2.93
N TRP A 254 -3.83 15.15 -2.86
CA TRP A 254 -4.02 14.52 -1.56
C TRP A 254 -2.70 14.08 -0.97
N THR A 255 -1.88 13.39 -1.77
CA THR A 255 -0.61 12.88 -1.24
C THR A 255 0.34 14.03 -0.87
N ILE A 256 0.40 15.09 -1.68
CA ILE A 256 1.43 16.11 -1.51
C ILE A 256 1.08 17.06 -0.35
N SER A 257 -0.14 17.58 -0.36
CA SER A 257 -0.54 18.47 0.72
C SER A 257 -0.55 17.74 2.06
N THR A 258 -1.07 16.50 2.09
CA THR A 258 -1.07 15.72 3.32
C THR A 258 0.33 15.55 3.85
N ALA A 259 1.27 15.29 2.95
CA ALA A 259 2.68 15.30 3.34
C ALA A 259 3.13 16.74 3.59
N ALA A 260 2.77 17.65 2.67
CA ALA A 260 3.05 19.06 2.87
C ALA A 260 2.55 19.52 4.22
N TYR A 261 1.27 19.28 4.48
CA TYR A 261 0.70 19.60 5.78
C TYR A 261 1.55 19.05 6.92
N TYR A 262 1.89 17.77 6.86
CA TYR A 262 2.55 17.15 8.01
C TYR A 262 3.91 17.75 8.25
N LYS A 263 4.69 17.92 7.17
CA LYS A 263 5.94 18.61 7.30
C LYS A 263 5.76 19.99 7.90
N ALA A 264 4.75 20.74 7.44
CA ALA A 264 4.63 22.10 7.94
C ALA A 264 4.34 22.17 9.43
N GLY A 265 4.01 21.02 10.07
CA GLY A 265 3.94 20.97 11.53
C GLY A 265 2.96 19.95 12.08
N GLY A 266 1.67 20.31 12.03
CA GLY A 266 0.65 19.45 12.62
C GLY A 266 0.48 18.18 11.81
N LYS A 267 -0.03 17.19 12.49
CA LYS A 267 -0.39 15.93 11.88
C LYS A 267 -1.82 16.00 11.36
N PRO A 268 -2.10 15.36 10.21
CA PRO A 268 -3.51 15.35 9.75
C PRO A 268 -4.45 14.60 10.66
N TRP A 269 -4.04 13.51 11.29
CA TRP A 269 -5.00 12.74 12.07
C TRP A 269 -4.30 11.91 13.14
N LYS A 270 -5.10 11.28 14.03
CA LYS A 270 -4.59 10.32 15.01
C LYS A 270 -5.38 9.03 14.94
N LEU A 271 -4.79 7.95 15.48
CA LEU A 271 -5.53 6.70 15.60
C LEU A 271 -6.69 6.91 16.56
N GLY A 272 -7.89 6.51 16.13
CA GLY A 272 -9.07 6.90 16.88
C GLY A 272 -9.14 6.20 18.24
N ASP A 273 -9.05 4.88 18.25
CA ASP A 273 -9.22 4.10 19.49
C ASP A 273 -7.95 3.24 19.73
N ILE A 274 -6.85 3.88 20.15
CA ILE A 274 -5.61 3.18 20.56
C ILE A 274 -5.56 3.18 22.09
N ARG A 275 -5.40 1.98 22.68
CA ARG A 275 -5.31 1.88 24.14
C ARG A 275 -4.08 2.61 24.66
N PRO A 276 -4.18 3.29 25.79
CA PRO A 276 -3.10 4.18 26.22
C PRO A 276 -1.81 3.42 26.48
N GLY A 277 -0.68 4.10 26.23
CA GLY A 277 0.61 3.54 26.59
C GLY A 277 1.10 2.35 25.81
N VAL A 278 0.88 2.31 24.50
CA VAL A 278 1.55 1.33 23.64
C VAL A 278 2.77 2.00 23.00
N CYS A 279 3.79 1.19 22.67
CA CYS A 279 4.98 1.68 21.97
C CYS A 279 5.32 0.83 20.77
N TYR A 280 5.22 1.41 19.60
CA TYR A 280 5.51 0.67 18.39
C TYR A 280 6.89 1.05 17.89
N LEU A 281 7.72 0.03 17.68
CA LEU A 281 9.12 0.15 17.36
C LEU A 281 9.38 -0.58 16.07
N GLY A 282 9.71 0.16 15.03
CA GLY A 282 9.89 -0.49 13.76
C GLY A 282 11.37 -0.67 13.50
N LEU A 283 11.81 -1.90 13.29
CA LEU A 283 13.24 -2.15 13.20
C LEU A 283 13.72 -1.99 11.78
N VAL A 284 14.68 -1.11 11.55
CA VAL A 284 15.19 -0.85 10.21
C VAL A 284 16.68 -1.13 10.18
N TYR A 285 17.14 -1.76 9.10
CA TYR A 285 18.56 -1.88 8.79
C TYR A 285 18.74 -1.67 7.29
N LYS A 286 19.98 -1.38 6.91
CA LYS A 286 20.42 -1.30 5.52
C LYS A 286 21.88 -1.68 5.48
N LYS A 287 22.16 -2.78 4.75
CA LYS A 287 23.52 -3.17 4.47
C LYS A 287 24.25 -2.00 3.84
N ILE A 288 25.45 -1.74 4.36
CA ILE A 288 26.39 -0.89 3.67
C ILE A 288 27.24 -1.76 2.79
N GLU A 289 26.99 -1.64 1.49
CA GLU A 289 27.73 -2.44 0.53
C GLU A 289 29.18 -2.01 0.49
N LYS A 290 29.44 -0.75 0.88
CA LYS A 290 30.77 -0.17 0.70
C LYS A 290 31.85 -0.96 1.43
N SER A 291 31.56 -1.40 2.66
CA SER A 291 32.60 -2.01 3.48
C SER A 291 33.14 -3.30 2.86
N LYS A 292 34.44 -3.54 3.12
CA LYS A 292 35.06 -4.75 2.60
C LYS A 292 34.48 -5.99 3.27
N ASN A 293 34.17 -5.88 4.55
CA ASN A 293 33.51 -6.91 5.34
C ASN A 293 31.99 -6.71 5.12
N PRO A 294 31.26 -7.67 4.39
CA PRO A 294 29.86 -7.41 3.93
C PRO A 294 28.77 -7.68 4.96
N GLN A 295 28.96 -7.06 6.16
CA GLN A 295 28.08 -7.09 7.34
C GLN A 295 27.79 -5.69 7.89
N ASN A 296 28.65 -4.69 7.59
CA ASN A 296 28.32 -3.29 7.91
C ASN A 296 26.93 -3.02 7.32
N ALA A 297 26.03 -2.70 8.20
CA ALA A 297 24.60 -2.48 7.98
C ALA A 297 24.13 -1.44 8.98
N CYS A 298 23.65 -0.32 8.44
CA CYS A 298 23.20 0.70 9.34
C CYS A 298 21.94 0.20 10.01
N CYS A 299 21.67 0.74 11.20
CA CYS A 299 20.55 0.30 11.99
C CYS A 299 19.78 1.48 12.53
N ALA A 300 18.53 1.20 12.85
CA ALA A 300 17.65 2.21 13.38
C ALA A 300 16.45 1.56 14.04
N ALA A 301 15.63 2.40 14.62
CA ALA A 301 14.33 2.00 15.11
C ALA A 301 13.47 3.22 15.04
N GLN A 302 12.25 3.01 14.64
CA GLN A 302 11.32 4.11 14.54
C GLN A 302 10.22 3.84 15.54
N MET A 303 9.78 4.88 16.22
CA MET A 303 8.87 4.75 17.33
C MET A 303 7.54 5.37 16.98
N PHE A 304 6.51 4.55 16.87
CA PHE A 304 5.18 5.04 16.60
C PHE A 304 4.31 4.77 17.80
N LEU A 305 3.48 5.74 18.12
CA LEU A 305 2.62 5.64 19.28
C LEU A 305 1.19 5.41 18.84
N ASP A 306 0.52 6.52 18.61
CA ASP A 306 -0.82 6.59 18.09
C ASP A 306 -0.92 7.60 16.94
N ASN A 307 0.11 8.41 16.69
CA ASN A 307 0.10 9.45 15.69
C ASN A 307 0.71 9.04 14.38
N GLY A 308 1.86 8.39 14.39
CA GLY A 308 2.56 8.22 13.15
C GLY A 308 3.43 9.38 12.76
N ASP A 309 3.34 10.49 13.50
CA ASP A 309 4.40 11.47 13.36
C ASP A 309 5.75 10.80 13.47
N GLY A 310 5.82 9.77 14.31
CA GLY A 310 7.01 8.95 14.38
C GLY A 310 8.22 9.60 14.99
N THR A 311 9.09 8.76 15.54
CA THR A 311 10.39 9.18 16.01
C THR A 311 11.38 8.15 15.51
N VAL A 312 12.37 8.60 14.76
CA VAL A 312 13.39 7.70 14.20
C VAL A 312 14.62 7.76 15.10
N PHE A 313 14.84 6.68 15.84
CA PHE A 313 16.03 6.52 16.68
C PHE A 313 17.15 5.91 15.84
N LYS A 314 18.17 6.71 15.56
CA LYS A 314 19.26 6.27 14.71
C LYS A 314 20.25 5.45 15.53
N GLY A 315 20.38 4.18 15.19
CA GLY A 315 21.41 3.35 15.77
C GLY A 315 22.68 3.45 14.95
N GLU A 316 23.78 3.04 15.55
CA GLU A 316 25.05 3.19 14.85
C GLU A 316 25.43 1.89 14.14
N VAL A 317 26.55 1.94 13.44
CA VAL A 317 26.85 1.01 12.36
C VAL A 317 27.48 -0.24 12.93
N GLY A 318 26.88 -1.39 12.69
CA GLY A 318 27.41 -2.61 13.23
C GLY A 318 27.35 -3.77 12.28
N PRO A 319 27.68 -4.95 12.79
CA PRO A 319 27.63 -6.18 11.98
C PRO A 319 26.25 -6.83 12.10
N TRP A 320 25.31 -6.24 11.39
CA TRP A 320 23.95 -6.71 11.55
C TRP A 320 23.56 -7.68 10.44
N TYR A 321 24.00 -7.41 9.21
CA TYR A 321 23.71 -8.35 8.14
C TYR A 321 24.31 -9.71 8.49
N ASN A 322 23.63 -10.78 8.11
CA ASN A 322 24.14 -12.11 8.29
C ASN A 322 24.34 -12.78 6.95
N PRO A 323 25.48 -13.41 6.74
CA PRO A 323 25.74 -14.16 5.50
C PRO A 323 24.91 -15.45 5.46
N GLU A 324 25.11 -16.29 6.49
CA GLU A 324 24.51 -17.62 6.52
C GLU A 324 22.98 -17.55 6.49
N LYS A 325 22.39 -16.64 7.28
CA LYS A 325 20.95 -16.58 7.56
C LYS A 325 20.17 -15.60 6.65
N GLY A 326 20.86 -14.81 5.82
CA GLY A 326 20.17 -13.79 5.02
C GLY A 326 19.19 -12.99 5.85
N GLU A 327 19.72 -12.42 6.93
CA GLU A 327 18.93 -11.87 8.03
C GLU A 327 19.67 -10.70 8.65
N TYR A 328 18.93 -9.91 9.41
CA TYR A 328 19.48 -8.78 10.12
C TYR A 328 19.30 -9.02 11.61
N HIS A 329 20.32 -8.63 12.39
CA HIS A 329 20.29 -8.84 13.83
C HIS A 329 21.29 -7.93 14.52
N LEU A 330 21.20 -7.92 15.84
CA LEU A 330 21.84 -6.92 16.67
C LEU A 330 22.55 -7.61 17.82
N LYS A 331 23.72 -7.06 18.18
CA LYS A 331 24.36 -7.41 19.43
C LYS A 331 23.68 -6.71 20.59
N PRO A 332 23.67 -7.35 21.77
CA PRO A 332 22.93 -6.78 22.91
C PRO A 332 23.25 -5.33 23.20
N LYS A 333 24.55 -5.02 23.27
CA LYS A 333 24.94 -3.71 23.79
C LYS A 333 24.44 -2.58 22.92
N GLU A 334 24.52 -2.72 21.59
CA GLU A 334 23.84 -1.70 20.79
C GLU A 334 22.33 -1.80 20.95
N ALA A 335 21.82 -3.03 21.06
CA ALA A 335 20.39 -3.23 21.18
C ALA A 335 19.82 -2.63 22.44
N LYS A 336 20.54 -2.77 23.57
CA LYS A 336 20.04 -2.13 24.78
C LYS A 336 19.94 -0.62 24.60
N ALA A 337 20.89 -0.02 23.88
CA ALA A 337 20.90 1.42 23.70
C ALA A 337 19.70 1.89 22.92
N LEU A 338 19.31 1.10 21.94
CA LEU A 338 18.18 1.48 21.12
C LEU A 338 16.89 1.40 21.92
N LEU A 339 16.65 0.27 22.59
CA LEU A 339 15.45 0.17 23.40
C LEU A 339 15.38 1.32 24.40
N THR A 340 16.47 1.54 25.16
CA THR A 340 16.50 2.60 26.16
C THR A 340 16.34 3.98 25.52
N GLN A 341 17.04 4.23 24.40
CA GLN A 341 16.84 5.48 23.67
C GLN A 341 15.37 5.66 23.34
N ALA A 342 14.69 4.57 22.98
CA ALA A 342 13.27 4.66 22.69
C ALA A 342 12.46 4.85 23.95
N LEU A 343 12.65 3.97 24.92
CA LEU A 343 11.94 4.08 26.19
C LEU A 343 12.15 5.44 26.82
N GLU A 344 13.41 5.88 26.95
CA GLU A 344 13.66 7.13 27.65
C GLU A 344 13.07 8.31 26.89
N SER A 345 13.28 8.38 25.57
CA SER A 345 12.63 9.43 24.81
C SER A 345 11.11 9.35 24.94
N TYR A 346 10.57 8.13 25.07
CA TYR A 346 9.14 7.97 25.36
C TYR A 346 8.79 8.61 26.69
N LYS A 347 9.59 8.32 27.73
CA LYS A 347 9.22 8.81 29.07
C LYS A 347 9.34 10.30 29.16
N GLU A 348 10.41 10.86 28.56
CA GLU A 348 10.50 12.30 28.44
C GLU A 348 9.30 12.89 27.70
N GLN A 349 8.72 12.14 26.74
CA GLN A 349 7.60 12.63 25.93
C GLN A 349 6.26 12.47 26.68
N ASN A 350 6.10 11.34 27.39
CA ASN A 350 4.85 10.86 27.96
C ASN A 350 4.90 10.62 29.48
N LYS A 351 6.00 10.97 30.16
CA LYS A 351 6.05 10.99 31.62
C LYS A 351 5.86 9.63 32.30
N SER A 352 6.03 8.51 31.60
CA SER A 352 5.97 7.18 32.19
C SER A 352 6.61 6.23 31.19
N TYR A 353 6.74 4.95 31.59
CA TYR A 353 7.25 3.92 30.70
C TYR A 353 6.08 3.12 30.12
N PRO A 354 6.07 2.86 28.82
CA PRO A 354 4.86 2.30 28.22
C PRO A 354 4.61 0.89 28.73
N LYS A 355 3.38 0.65 29.14
CA LYS A 355 2.98 -0.66 29.63
C LYS A 355 2.98 -1.74 28.56
N GLU A 356 3.18 -1.37 27.31
CA GLU A 356 3.26 -2.35 26.23
C GLU A 356 4.14 -1.80 25.13
N VAL A 357 5.12 -2.60 24.68
CA VAL A 357 6.00 -2.20 23.61
C VAL A 357 6.09 -3.32 22.59
N PHE A 358 5.58 -3.06 21.40
CA PHE A 358 5.71 -3.98 20.28
C PHE A 358 6.87 -3.52 19.42
N ILE A 359 7.77 -4.44 19.13
CA ILE A 359 8.86 -4.21 18.19
C ILE A 359 8.54 -5.01 16.94
N HIS A 360 8.45 -4.31 15.81
CA HIS A 360 8.15 -4.95 14.55
C HIS A 360 9.42 -5.03 13.71
N ALA A 361 9.56 -6.14 13.00
CA ALA A 361 10.59 -6.24 11.99
C ALA A 361 10.16 -7.35 11.07
N ARG A 362 10.82 -7.45 9.94
CA ARG A 362 10.44 -8.47 8.99
C ARG A 362 11.19 -9.78 9.18
N THR A 363 11.96 -9.90 10.24
CA THR A 363 12.74 -11.11 10.46
C THR A 363 12.40 -11.67 11.83
N ARG A 364 12.78 -12.92 12.08
CA ARG A 364 12.60 -13.45 13.43
C ARG A 364 13.70 -12.88 14.34
N PHE A 365 13.53 -13.01 15.65
CA PHE A 365 14.53 -12.52 16.60
C PHE A 365 15.33 -13.68 17.14
N ASN A 366 16.64 -13.48 17.26
CA ASN A 366 17.50 -14.43 17.95
C ASN A 366 17.40 -14.21 19.47
N ASP A 367 17.41 -15.31 20.25
CA ASP A 367 17.03 -15.20 21.67
C ASP A 367 17.98 -14.28 22.45
N GLU A 368 19.20 -14.09 21.94
CA GLU A 368 20.14 -13.21 22.62
C GLU A 368 19.78 -11.75 22.43
N GLU A 369 19.60 -11.35 21.16
CA GLU A 369 19.17 -9.99 20.86
C GLU A 369 17.95 -9.60 21.70
N TRP A 370 16.92 -10.46 21.72
CA TRP A 370 15.73 -10.15 22.54
C TRP A 370 16.05 -10.15 24.04
N ASN A 371 16.83 -11.12 24.55
CA ASN A 371 17.13 -11.02 25.97
C ASN A 371 17.86 -9.70 26.26
N ALA A 372 18.53 -9.12 25.24
CA ALA A 372 19.10 -7.78 25.38
C ALA A 372 18.03 -6.72 25.61
N PHE A 373 17.01 -6.74 24.76
CA PHE A 373 15.84 -5.90 24.99
C PHE A 373 15.24 -6.15 26.38
N ASN A 374 15.01 -7.42 26.73
CA ASN A 374 14.39 -7.82 28.00
C ASN A 374 14.98 -7.06 29.17
N GLU A 375 16.30 -7.10 29.30
CA GLU A 375 16.94 -6.45 30.43
C GLU A 375 16.62 -4.95 30.47
N VAL A 376 16.71 -4.27 29.33
CA VAL A 376 16.56 -2.82 29.35
C VAL A 376 15.19 -2.43 29.84
N THR A 377 14.27 -3.35 29.75
CA THR A 377 12.88 -3.03 29.89
C THR A 377 12.48 -2.96 31.34
N PRO A 378 11.59 -2.02 31.68
CA PRO A 378 10.97 -2.01 33.01
C PRO A 378 10.28 -3.32 33.29
N LYS A 379 10.03 -3.58 34.57
CA LYS A 379 9.63 -4.93 34.98
C LYS A 379 8.24 -5.30 34.51
N ASN A 380 7.31 -4.35 34.54
CA ASN A 380 5.92 -4.63 34.23
C ASN A 380 5.51 -4.26 32.81
N THR A 381 6.35 -3.52 32.07
CA THR A 381 6.09 -3.30 30.65
C THR A 381 6.19 -4.62 29.91
N ASN A 382 5.23 -4.89 29.06
CA ASN A 382 5.32 -6.08 28.23
C ASN A 382 6.04 -5.72 26.93
N LEU A 383 7.05 -6.50 26.58
CA LEU A 383 7.75 -6.33 25.32
C LEU A 383 7.27 -7.39 24.35
N VAL A 384 6.81 -6.98 23.16
CA VAL A 384 6.33 -7.92 22.15
C VAL A 384 7.14 -7.75 20.86
N GLY A 385 7.72 -8.80 20.39
CA GLY A 385 8.36 -8.85 19.09
C GLY A 385 7.40 -9.40 18.11
N VAL A 386 7.30 -8.74 16.94
CA VAL A 386 6.35 -9.12 15.93
C VAL A 386 7.05 -9.10 14.59
N THR A 387 6.99 -10.23 13.88
CA THR A 387 7.63 -10.39 12.58
C THR A 387 6.54 -10.31 11.52
N ILE A 388 6.55 -9.25 10.75
CA ILE A 388 5.59 -9.06 9.67
C ILE A 388 6.29 -9.48 8.40
N THR A 389 6.09 -10.72 7.98
CA THR A 389 6.67 -11.16 6.72
C THR A 389 5.59 -11.22 5.65
N LYS A 390 5.76 -10.42 4.59
CA LYS A 390 5.09 -10.62 3.31
C LYS A 390 5.86 -11.69 2.55
N SER A 391 5.85 -12.92 3.04
CA SER A 391 6.10 -14.06 2.17
C SER A 391 4.97 -14.08 1.14
N LYS A 392 4.85 -15.18 0.40
CA LYS A 392 3.79 -15.33 -0.61
C LYS A 392 2.90 -16.51 -0.22
N PRO A 393 2.19 -16.40 0.85
CA PRO A 393 1.40 -17.51 1.36
C PRO A 393 -0.09 -17.18 1.27
N LEU A 394 -0.93 -18.19 1.16
CA LEU A 394 -2.35 -18.03 1.46
C LEU A 394 -2.99 -16.88 0.68
N LYS A 395 -2.57 -16.74 -0.57
CA LYS A 395 -3.35 -15.93 -1.48
C LYS A 395 -4.76 -16.49 -1.47
N LEU A 396 -5.73 -15.69 -1.03
CA LEU A 396 -7.10 -16.13 -0.84
C LEU A 396 -8.00 -15.56 -1.93
N TYR A 397 -8.58 -16.46 -2.71
CA TYR A 397 -9.43 -16.13 -3.85
C TYR A 397 -10.89 -16.26 -3.44
N LYS A 398 -11.62 -15.15 -3.39
CA LYS A 398 -13.05 -15.22 -3.08
C LYS A 398 -13.77 -16.10 -4.10
N THR A 399 -14.73 -16.90 -3.63
CA THR A 399 -15.32 -17.88 -4.55
C THR A 399 -16.16 -17.21 -5.62
N GLU A 400 -16.96 -16.23 -5.25
CA GLU A 400 -17.95 -15.66 -6.15
C GLU A 400 -17.75 -14.17 -6.33
N GLY A 401 -17.62 -13.75 -7.57
CA GLY A 401 -17.55 -12.33 -7.83
C GLY A 401 -16.17 -11.90 -8.27
N ALA A 402 -16.10 -10.67 -8.79
CA ALA A 402 -14.89 -10.22 -9.46
C ALA A 402 -13.93 -9.61 -8.46
N PHE A 403 -14.45 -9.23 -7.32
CA PHE A 403 -13.63 -8.55 -6.38
C PHE A 403 -13.05 -9.52 -5.39
N PRO A 404 -11.96 -9.16 -4.75
CA PRO A 404 -11.31 -10.07 -3.82
C PRO A 404 -11.83 -9.86 -2.43
N ILE A 405 -11.46 -10.79 -1.54
CA ILE A 405 -11.76 -10.65 -0.11
C ILE A 405 -11.54 -9.21 0.29
N MET A 406 -12.44 -8.71 1.13
CA MET A 406 -12.23 -7.37 1.63
C MET A 406 -11.23 -7.37 2.76
N ARG A 407 -10.60 -6.21 2.94
CA ARG A 407 -9.49 -6.08 3.86
C ARG A 407 -9.98 -6.04 5.30
N GLY A 408 -9.27 -6.71 6.20
CA GLY A 408 -9.68 -6.93 7.57
C GLY A 408 -10.03 -8.37 7.87
N ASN A 409 -10.33 -9.14 6.84
CA ASN A 409 -10.33 -10.58 6.97
C ASN A 409 -8.98 -11.04 7.48
N ALA A 410 -9.01 -12.00 8.37
CA ALA A 410 -7.74 -12.54 8.81
C ALA A 410 -7.89 -14.02 9.08
N TYR A 411 -6.76 -14.73 8.98
CA TYR A 411 -6.67 -16.14 9.30
C TYR A 411 -5.67 -16.34 10.42
N ILE A 412 -6.14 -16.91 11.50
CA ILE A 412 -5.34 -17.14 12.69
C ILE A 412 -4.86 -18.60 12.68
N VAL A 413 -3.59 -18.78 12.32
CA VAL A 413 -2.91 -20.09 12.34
C VAL A 413 -2.79 -20.61 13.77
N ASP A 414 -2.12 -19.86 14.64
CA ASP A 414 -1.93 -20.28 16.02
C ASP A 414 -2.32 -19.13 16.92
N GLU A 415 -2.30 -19.38 18.22
CA GLU A 415 -2.43 -18.26 19.13
C GLU A 415 -1.32 -17.25 18.94
N LYS A 416 -0.26 -17.64 18.23
CA LYS A 416 0.90 -16.76 18.09
C LYS A 416 1.00 -16.13 16.69
N LYS A 417 0.82 -16.91 15.63
CA LYS A 417 1.01 -16.49 14.24
C LYS A 417 -0.32 -16.39 13.53
N ALA A 418 -0.51 -15.33 12.73
CA ALA A 418 -1.78 -15.14 12.02
C ALA A 418 -1.54 -14.57 10.62
N PHE A 419 -2.59 -14.62 9.80
CA PHE A 419 -2.62 -14.00 8.48
C PHE A 419 -3.52 -12.79 8.46
N LEU A 420 -2.98 -11.67 8.03
CA LEU A 420 -3.70 -10.40 8.04
C LEU A 420 -3.83 -9.88 6.62
N TRP A 421 -5.02 -9.45 6.26
CA TRP A 421 -5.24 -8.82 4.97
C TRP A 421 -5.40 -7.32 5.18
N THR A 422 -4.29 -6.62 5.09
CA THR A 422 -4.28 -5.18 4.94
C THR A 422 -4.60 -4.74 3.53
N LEU A 423 -4.62 -5.68 2.58
CA LEU A 423 -4.93 -5.40 1.19
C LEU A 423 -6.22 -6.12 0.83
N GLY A 424 -6.75 -5.81 -0.35
CA GLY A 424 -7.97 -6.40 -0.81
C GLY A 424 -9.15 -5.44 -0.75
N PHE A 425 -10.29 -5.93 -1.20
CA PHE A 425 -11.41 -5.04 -1.53
C PHE A 425 -11.81 -4.18 -0.36
N VAL A 426 -12.09 -2.91 -0.65
CA VAL A 426 -12.59 -2.07 0.42
C VAL A 426 -13.90 -1.44 -0.02
N PRO A 427 -14.93 -1.53 0.82
CA PRO A 427 -16.24 -1.07 0.41
C PRO A 427 -16.35 0.45 0.35
N LYS A 428 -15.86 1.19 1.34
CA LYS A 428 -16.00 2.65 1.23
C LYS A 428 -15.29 3.18 -0.02
N LEU A 429 -14.40 2.38 -0.61
CA LEU A 429 -13.74 2.74 -1.86
C LEU A 429 -14.33 2.01 -3.05
N GLN A 430 -15.04 0.92 -2.81
CA GLN A 430 -15.48 0.08 -3.89
C GLN A 430 -14.34 -0.16 -4.85
N SER A 431 -13.19 -0.48 -4.24
CA SER A 431 -12.01 -0.83 -4.99
C SER A 431 -11.18 -1.77 -4.15
N THR A 432 -10.39 -2.59 -4.84
CA THR A 432 -9.36 -3.37 -4.17
C THR A 432 -8.12 -2.53 -3.96
N LEU A 433 -7.57 -2.62 -2.76
CA LEU A 433 -6.37 -1.84 -2.49
C LEU A 433 -5.20 -2.38 -3.27
N SER A 434 -4.86 -3.65 -3.06
CA SER A 434 -4.05 -4.38 -4.00
C SER A 434 -4.83 -4.56 -5.29
N MET A 435 -4.30 -4.04 -6.40
CA MET A 435 -5.02 -4.05 -7.67
C MET A 435 -5.14 -5.43 -8.31
N GLU A 436 -4.31 -6.40 -7.91
CA GLU A 436 -4.53 -7.78 -8.28
C GLU A 436 -5.10 -8.52 -7.07
N VAL A 437 -4.94 -9.84 -7.05
CA VAL A 437 -5.50 -10.62 -5.95
C VAL A 437 -4.63 -10.48 -4.72
N PRO A 438 -5.17 -10.01 -3.60
CA PRO A 438 -4.33 -9.52 -2.51
C PRO A 438 -3.56 -10.58 -1.75
N ASN A 439 -2.37 -10.19 -1.31
CA ASN A 439 -1.51 -11.06 -0.51
C ASN A 439 -1.61 -10.64 0.94
N PRO A 440 -2.09 -11.49 1.83
CA PRO A 440 -2.07 -11.17 3.26
C PRO A 440 -0.66 -11.21 3.79
N ILE A 441 -0.51 -10.73 5.03
CA ILE A 441 0.81 -10.64 5.63
C ILE A 441 0.89 -11.56 6.86
N PHE A 442 1.84 -12.50 6.81
CA PHE A 442 2.17 -13.38 7.94
C PHE A 442 2.62 -12.53 9.11
N ILE A 443 1.97 -12.72 10.24
CA ILE A 443 2.24 -11.96 11.44
C ILE A 443 2.49 -12.97 12.55
N GLU A 444 3.74 -13.03 13.03
CA GLU A 444 4.14 -13.96 14.08
C GLU A 444 4.69 -13.19 15.25
N ILE A 445 4.09 -13.36 16.41
CA ILE A 445 4.73 -12.90 17.64
C ILE A 445 5.97 -13.73 17.84
N ASN A 446 7.05 -13.41 17.12
CA ASN A 446 8.24 -14.24 17.22
C ASN A 446 8.73 -14.32 18.67
N LYS A 447 8.85 -13.18 19.35
CA LYS A 447 9.25 -13.17 20.76
C LYS A 447 8.24 -12.39 21.60
N GLY A 448 8.20 -12.73 22.90
CA GLY A 448 7.19 -12.18 23.78
C GLY A 448 5.87 -12.90 23.58
N GLU A 449 4.92 -12.62 24.48
CA GLU A 449 3.58 -13.20 24.40
C GLU A 449 2.56 -12.08 24.38
N ALA A 450 1.48 -12.31 23.65
CA ALA A 450 0.42 -11.32 23.58
C ALA A 450 -0.78 -12.01 22.94
N GLU A 451 -1.83 -11.23 22.74
CA GLU A 451 -3.05 -11.73 22.10
C GLU A 451 -3.00 -11.35 20.62
N ILE A 452 -2.76 -12.37 19.77
CA ILE A 452 -2.65 -12.23 18.32
C ILE A 452 -3.78 -11.39 17.74
N GLN A 453 -4.97 -11.54 18.29
CA GLN A 453 -6.07 -10.70 17.85
C GLN A 453 -5.76 -9.23 18.07
N GLN A 454 -5.26 -8.87 19.25
CA GLN A 454 -4.84 -7.49 19.44
C GLN A 454 -3.76 -7.13 18.43
N VAL A 455 -2.79 -8.03 18.26
CA VAL A 455 -1.70 -7.79 17.32
C VAL A 455 -2.25 -7.44 15.94
N LEU A 456 -2.98 -8.39 15.35
CA LEU A 456 -3.68 -8.11 14.10
C LEU A 456 -4.33 -6.73 14.13
N LYS A 457 -5.15 -6.47 15.15
CA LYS A 457 -5.84 -5.17 15.26
C LYS A 457 -4.88 -4.02 15.17
N ASP A 458 -4.03 -3.89 16.18
CA ASP A 458 -2.98 -2.89 16.14
C ASP A 458 -2.38 -2.77 14.76
N ILE A 459 -1.96 -3.88 14.17
CA ILE A 459 -1.25 -3.75 12.91
C ILE A 459 -2.16 -3.23 11.82
N LEU A 460 -3.38 -3.73 11.79
CA LEU A 460 -4.34 -3.11 10.90
C LEU A 460 -4.45 -1.64 11.23
N ALA A 461 -4.30 -1.29 12.51
CA ALA A 461 -4.36 0.12 12.88
C ALA A 461 -3.18 0.88 12.30
N LEU A 462 -2.03 0.24 12.20
CA LEU A 462 -0.83 0.99 11.88
C LEU A 462 -0.71 1.29 10.40
N THR A 463 -1.40 0.57 9.55
CA THR A 463 -1.37 0.95 8.15
C THR A 463 -1.99 2.32 7.92
N LYS A 464 -2.83 2.77 8.84
CA LYS A 464 -3.61 3.97 8.65
C LYS A 464 -2.83 5.23 8.92
N LEU A 465 -1.59 5.14 9.37
CA LEU A 465 -0.95 6.30 9.95
C LEU A 465 0.01 6.97 8.98
N ASN A 466 0.08 6.49 7.75
CA ASN A 466 1.06 7.05 6.81
C ASN A 466 0.60 8.42 6.35
N TYR A 467 1.17 9.48 6.94
CA TYR A 467 0.75 10.84 6.60
C TYR A 467 1.17 11.25 5.20
N ASN A 468 2.19 10.61 4.65
CA ASN A 468 2.77 11.13 3.43
C ASN A 468 2.02 10.67 2.20
N ALA A 469 1.76 9.38 2.12
CA ALA A 469 0.96 8.82 1.05
C ALA A 469 -0.43 8.76 1.64
N CYS A 470 -1.23 9.78 1.37
CA CYS A 470 -2.58 9.86 1.92
C CYS A 470 -3.48 8.90 1.17
N ILE A 471 -3.68 7.71 1.73
CA ILE A 471 -4.61 6.74 1.17
C ILE A 471 -5.46 6.19 2.30
N TYR A 472 -6.44 5.37 1.91
CA TYR A 472 -7.31 4.69 2.87
C TYR A 472 -6.49 3.94 3.89
N ALA A 473 -5.53 3.16 3.41
CA ALA A 473 -4.64 2.44 4.31
C ALA A 473 -3.51 1.91 3.46
N ASP A 474 -2.38 1.69 4.10
CA ASP A 474 -1.29 1.12 3.34
C ASP A 474 -1.28 -0.40 3.42
N GLY A 475 -0.43 -1.01 2.58
CA GLY A 475 -0.27 -2.44 2.65
C GLY A 475 0.42 -2.88 3.92
N GLU A 476 1.44 -2.02 4.42
CA GLU A 476 2.33 -2.20 5.57
C GLU A 476 1.96 -1.28 6.72
N PRO A 477 2.10 -1.72 7.95
CA PRO A 477 2.07 -0.79 9.06
C PRO A 477 3.30 0.09 8.99
N VAL A 478 3.12 1.36 9.34
CA VAL A 478 4.09 2.44 9.18
C VAL A 478 5.39 2.14 9.91
N THR A 479 5.29 1.32 10.97
CA THR A 479 6.49 0.84 11.64
C THR A 479 7.51 0.40 10.61
N LEU A 480 7.14 -0.54 9.77
CA LEU A 480 8.05 -1.05 8.76
C LEU A 480 7.82 -0.45 7.38
N ARG A 481 6.78 0.37 7.20
CA ARG A 481 6.51 0.88 5.87
C ARG A 481 7.71 1.60 5.29
N PHE A 482 8.38 2.43 6.07
CA PHE A 482 9.33 3.34 5.48
C PHE A 482 10.77 2.87 5.57
N ALA A 483 10.96 1.63 6.00
CA ALA A 483 12.31 1.13 6.23
C ALA A 483 13.19 1.30 5.02
N ASN A 484 12.76 0.74 3.88
CA ASN A 484 13.61 0.73 2.71
C ASN A 484 13.97 2.16 2.30
N LYS A 485 12.97 3.04 2.27
CA LYS A 485 13.33 4.44 2.07
C LYS A 485 14.23 4.94 3.18
N ILE A 486 13.87 4.65 4.42
CA ILE A 486 14.75 5.02 5.52
C ILE A 486 16.12 4.38 5.34
N GLY A 487 16.14 3.12 4.89
CA GLY A 487 17.39 2.39 4.85
C GLY A 487 18.47 3.16 4.11
N GLU A 488 18.08 3.82 3.03
CA GLU A 488 19.02 4.66 2.29
C GLU A 488 19.55 5.80 3.16
N ILE A 489 18.65 6.47 3.88
CA ILE A 489 18.99 7.75 4.49
C ILE A 489 19.94 7.55 5.67
N LEU A 490 19.84 6.39 6.32
CA LEU A 490 20.83 6.02 7.32
C LEU A 490 22.20 5.87 6.70
N THR A 491 22.31 5.06 5.65
CA THR A 491 23.63 4.81 5.07
C THR A 491 24.12 6.04 4.31
N ALA A 492 23.19 6.78 3.68
CA ALA A 492 23.60 7.94 2.88
C ALA A 492 24.44 8.92 3.68
N SER A 493 24.06 9.21 4.94
CA SER A 493 24.84 10.06 5.84
C SER A 493 25.25 9.22 7.05
N THR A 494 26.55 8.93 7.18
CA THR A 494 27.01 8.07 8.27
C THR A 494 27.92 8.73 9.25
N GLU A 495 28.55 9.84 8.88
CA GLU A 495 29.36 10.56 9.83
C GLU A 495 28.52 11.10 10.97
N ILE A 496 27.33 11.63 10.65
CA ILE A 496 26.53 12.30 11.66
C ILE A 496 26.24 11.38 12.82
N LYS A 497 25.84 11.98 13.93
CA LYS A 497 25.21 11.28 15.05
C LYS A 497 23.98 12.12 15.36
N THR A 498 22.96 11.93 14.56
CA THR A 498 21.81 12.78 14.68
C THR A 498 20.94 12.37 15.86
N PRO A 499 20.32 13.34 16.51
CA PRO A 499 19.42 13.04 17.58
C PRO A 499 18.24 12.24 17.06
N PRO A 500 17.51 11.55 17.95
CA PRO A 500 16.21 11.00 17.52
C PRO A 500 15.34 12.07 16.87
N LEU A 501 14.74 11.74 15.73
CA LEU A 501 14.02 12.76 14.98
C LEU A 501 12.65 12.26 14.53
N ALA A 502 11.70 13.19 14.43
CA ALA A 502 10.39 12.91 13.89
C ALA A 502 10.50 12.62 12.40
N PHE A 503 9.40 12.07 11.84
CA PHE A 503 9.46 11.54 10.47
C PHE A 503 9.79 12.63 9.44
N LYS A 504 9.12 13.81 9.57
CA LYS A 504 9.20 14.83 8.53
C LYS A 504 10.64 15.10 8.10
N TYR A 505 11.57 14.97 9.03
CA TYR A 505 12.95 15.12 8.64
C TYR A 505 13.41 13.93 7.79
N TYR A 506 12.99 12.72 8.15
CA TYR A 506 13.38 11.47 7.49
C TYR A 506 12.56 11.12 6.26
N ILE A 507 11.49 11.85 5.96
CA ILE A 507 10.54 11.50 4.91
C ILE A 507 11.22 11.52 3.55
N MET B 1 -42.82 27.94 11.25
CA MET B 1 -41.45 28.47 11.30
C MET B 1 -40.59 27.83 10.21
N ARG B 2 -39.51 28.51 9.82
CA ARG B 2 -38.67 28.09 8.71
C ARG B 2 -37.19 28.23 9.05
N ASN B 3 -36.44 27.11 8.91
CA ASN B 3 -35.05 26.99 9.36
C ASN B 3 -34.06 26.40 8.35
N LYS B 4 -34.51 25.49 7.47
CA LYS B 4 -33.64 24.67 6.63
C LYS B 4 -32.83 25.49 5.64
N ILE B 5 -31.99 24.79 4.91
CA ILE B 5 -31.23 25.35 3.80
C ILE B 5 -31.36 24.30 2.70
N PHE B 6 -32.46 24.42 1.94
CA PHE B 6 -32.67 23.47 0.87
C PHE B 6 -31.62 23.67 -0.21
N ILE B 7 -31.01 22.57 -0.63
CA ILE B 7 -30.02 22.60 -1.71
C ILE B 7 -30.65 21.99 -2.97
N SER B 8 -30.61 22.74 -4.08
CA SER B 8 -31.09 22.25 -5.36
C SER B 8 -29.92 21.89 -6.26
N HIS B 9 -29.96 20.71 -6.90
CA HIS B 9 -28.74 20.21 -7.52
C HIS B 9 -28.99 19.18 -8.61
N ALA B 10 -28.00 19.15 -9.50
CA ALA B 10 -27.85 18.16 -10.56
C ALA B 10 -27.07 16.95 -10.07
N THR B 11 -27.65 15.78 -10.31
CA THR B 11 -27.00 14.52 -10.03
C THR B 11 -26.83 13.74 -11.31
N PRO B 12 -25.65 13.16 -11.53
CA PRO B 12 -24.51 13.12 -10.60
C PRO B 12 -23.41 14.15 -10.86
N GLU B 13 -23.68 15.14 -11.73
CA GLU B 13 -22.64 16.07 -12.16
C GLU B 13 -22.07 16.88 -11.00
N ASP B 14 -22.93 17.33 -10.10
CA ASP B 14 -22.52 18.21 -9.01
C ASP B 14 -22.51 17.47 -7.68
N ASP B 15 -22.70 16.15 -7.74
CA ASP B 15 -22.75 15.36 -6.51
C ASP B 15 -21.52 15.58 -5.66
N ASP B 16 -20.35 15.60 -6.29
CA ASP B 16 -19.15 15.85 -5.52
C ASP B 16 -19.29 17.15 -4.75
N PHE B 17 -19.84 18.19 -5.37
CA PHE B 17 -19.84 19.45 -4.66
C PHE B 17 -20.98 19.57 -3.64
N THR B 18 -22.18 19.15 -4.01
CA THR B 18 -23.35 19.23 -3.14
C THR B 18 -23.15 18.40 -1.89
N ARG B 19 -22.65 17.17 -2.06
CA ARG B 19 -22.33 16.36 -0.90
C ARG B 19 -21.35 17.09 0.00
N TRP B 20 -20.40 17.82 -0.59
CA TRP B 20 -19.46 18.59 0.22
C TRP B 20 -20.10 19.79 0.84
N LEU B 21 -20.89 20.53 0.06
CA LEU B 21 -21.57 21.66 0.64
C LEU B 21 -22.49 21.26 1.77
N SER B 22 -23.50 20.43 1.48
CA SER B 22 -24.43 20.00 2.52
C SER B 22 -23.69 19.57 3.76
N LEU B 23 -22.78 18.60 3.62
CA LEU B 23 -22.14 18.05 4.80
C LEU B 23 -21.29 19.11 5.52
N LYS B 24 -20.58 19.98 4.79
CA LYS B 24 -19.84 21.00 5.52
C LYS B 24 -20.80 21.97 6.20
N LEU B 25 -21.97 22.17 5.59
CA LEU B 25 -22.99 23.02 6.18
C LEU B 25 -23.66 22.34 7.38
N ILE B 26 -24.00 21.06 7.24
CA ILE B 26 -24.76 20.37 8.28
C ILE B 26 -23.93 20.32 9.56
N GLY B 27 -22.61 20.07 9.41
CA GLY B 27 -21.72 20.02 10.58
C GLY B 27 -21.45 21.39 11.17
N LEU B 28 -21.55 22.44 10.34
CA LEU B 28 -21.39 23.81 10.80
C LEU B 28 -22.57 24.26 11.65
N GLY B 29 -23.74 23.63 11.53
CA GLY B 29 -24.88 23.86 12.41
C GLY B 29 -26.19 24.08 11.68
N TYR B 30 -26.15 24.13 10.35
CA TYR B 30 -27.30 24.46 9.55
C TYR B 30 -28.17 23.21 9.40
N GLU B 31 -29.42 23.43 9.07
CA GLU B 31 -30.29 22.36 8.62
C GLU B 31 -30.33 22.45 7.10
N VAL B 32 -29.91 21.37 6.43
CA VAL B 32 -29.85 21.32 4.96
C VAL B 32 -30.80 20.25 4.45
N TRP B 33 -31.73 20.64 3.57
CA TRP B 33 -32.57 19.69 2.86
C TRP B 33 -31.99 19.46 1.48
N CYS B 34 -31.66 18.19 1.18
CA CYS B 34 -30.88 17.81 0.02
C CYS B 34 -31.39 16.44 -0.36
N ASP B 35 -31.62 16.20 -1.67
CA ASP B 35 -32.04 14.86 -2.10
C ASP B 35 -31.02 13.81 -1.74
N ILE B 36 -29.79 14.27 -1.50
CA ILE B 36 -28.63 13.41 -1.28
C ILE B 36 -28.83 12.55 -0.04
N LEU B 37 -29.53 13.09 0.95
CA LEU B 37 -29.60 12.44 2.27
C LEU B 37 -30.70 11.37 2.30
N PHE B 38 -31.77 11.53 1.54
CA PHE B 38 -32.87 10.62 1.75
C PHE B 38 -32.79 9.45 0.80
N LEU B 39 -33.73 8.55 0.94
CA LEU B 39 -33.95 7.52 -0.03
C LEU B 39 -35.46 7.46 -0.26
N ASP B 40 -35.98 8.48 -0.95
CA ASP B 40 -37.42 8.65 -1.08
C ASP B 40 -38.05 7.51 -1.87
N LYS B 41 -39.34 7.27 -1.62
CA LYS B 41 -40.12 6.18 -2.19
C LYS B 41 -41.59 6.56 -2.36
N GLY B 42 -41.93 7.84 -2.27
CA GLY B 42 -43.33 8.29 -2.38
C GLY B 42 -43.67 8.96 -3.59
N VAL B 43 -45.01 9.19 -3.83
CA VAL B 43 -45.47 10.06 -4.87
C VAL B 43 -45.34 11.51 -4.43
N ASP B 44 -45.22 11.71 -3.11
CA ASP B 44 -44.99 13.00 -2.47
C ASP B 44 -43.52 13.36 -2.42
N PHE B 45 -42.68 12.53 -3.06
CA PHE B 45 -41.25 12.79 -3.17
C PHE B 45 -41.05 14.19 -3.68
N TRP B 46 -41.80 14.56 -4.72
CA TRP B 46 -41.76 15.91 -5.23
C TRP B 46 -42.50 16.85 -4.29
N SER B 47 -43.67 16.43 -3.80
CA SER B 47 -44.41 17.25 -2.83
C SER B 47 -43.61 17.43 -1.54
N THR B 48 -42.95 16.36 -1.06
CA THR B 48 -41.99 16.55 0.02
C THR B 48 -41.11 17.73 -0.27
N ILE B 49 -40.29 17.67 -1.35
CA ILE B 49 -39.60 18.85 -1.87
C ILE B 49 -40.51 20.07 -1.76
N GLU B 50 -41.59 20.11 -2.53
CA GLU B 50 -42.45 21.28 -2.51
C GLU B 50 -42.85 21.68 -1.10
N LYS B 51 -43.38 20.74 -0.31
CA LYS B 51 -43.73 21.10 1.05
C LYS B 51 -42.56 21.77 1.74
N GLU B 52 -41.36 21.18 1.62
CA GLU B 52 -40.22 21.74 2.35
C GLU B 52 -39.79 23.09 1.79
N ILE B 53 -39.66 23.21 0.46
CA ILE B 53 -39.28 24.53 -0.04
C ILE B 53 -40.37 25.55 0.34
N ARG B 54 -41.64 25.11 0.28
CA ARG B 54 -42.77 25.98 0.61
C ARG B 54 -42.64 26.55 2.00
N GLU B 55 -42.68 25.70 3.01
CA GLU B 55 -42.91 26.18 4.37
C GLU B 55 -41.61 26.47 5.10
N ASN B 56 -40.86 25.41 5.36
CA ASN B 56 -39.74 25.40 6.27
C ASN B 56 -38.43 25.79 5.62
N THR B 57 -38.37 26.08 4.34
CA THR B 57 -37.09 26.40 3.72
C THR B 57 -36.78 27.89 3.93
N CYS B 58 -35.81 28.17 4.82
CA CYS B 58 -35.27 29.53 4.99
C CYS B 58 -34.47 29.98 3.76
N LYS B 59 -33.56 29.13 3.26
CA LYS B 59 -32.68 29.45 2.12
C LYS B 59 -32.75 28.39 1.03
N PHE B 60 -32.94 28.85 -0.21
CA PHE B 60 -32.79 28.03 -1.39
C PHE B 60 -31.37 28.19 -1.91
N LEU B 61 -30.59 27.13 -1.82
CA LEU B 61 -29.31 27.06 -2.48
C LEU B 61 -29.47 26.24 -3.75
N ILE B 62 -29.11 26.79 -4.91
CA ILE B 62 -29.12 26.04 -6.16
C ILE B 62 -27.69 25.93 -6.67
N VAL B 63 -27.28 24.71 -7.05
CA VAL B 63 -26.01 24.54 -7.75
C VAL B 63 -26.11 25.21 -9.10
N SER B 64 -25.24 26.21 -9.32
CA SER B 64 -25.20 26.96 -10.58
C SER B 64 -24.08 26.38 -11.47
N SER B 65 -24.31 25.14 -11.88
CA SER B 65 -23.50 24.50 -12.90
C SER B 65 -24.20 24.63 -14.24
N THR B 66 -23.48 24.24 -15.30
CA THR B 66 -24.14 24.10 -16.59
C THR B 66 -25.26 23.10 -16.51
N ALA B 67 -24.98 21.94 -15.93
CA ALA B 67 -26.00 20.90 -15.86
C ALA B 67 -27.15 21.33 -14.97
N GLY B 68 -26.86 22.12 -13.93
CA GLY B 68 -27.90 22.50 -12.98
C GLY B 68 -28.90 23.48 -13.56
N ASN B 69 -28.44 24.41 -14.40
CA ASN B 69 -29.40 25.32 -14.99
C ASN B 69 -30.19 24.65 -16.11
N LYS B 70 -29.60 23.63 -16.78
CA LYS B 70 -30.25 22.90 -17.87
C LYS B 70 -31.03 21.67 -17.42
N ARG B 71 -31.10 21.42 -16.11
CA ARG B 71 -31.68 20.17 -15.64
C ARG B 71 -33.17 20.35 -15.36
N GLU B 72 -33.97 19.51 -16.01
CA GLU B 72 -35.41 19.58 -15.83
C GLU B 72 -35.79 19.48 -14.35
N GLY B 73 -35.11 18.60 -13.59
CA GLY B 73 -35.45 18.41 -12.19
C GLY B 73 -35.09 19.60 -11.32
N VAL B 74 -33.97 20.26 -11.65
CA VAL B 74 -33.55 21.44 -10.89
C VAL B 74 -34.35 22.67 -11.34
N LEU B 75 -34.66 22.74 -12.63
CA LEU B 75 -35.54 23.80 -13.07
C LEU B 75 -36.91 23.70 -12.41
N LYS B 76 -37.45 22.47 -12.27
CA LYS B 76 -38.70 22.28 -11.54
C LYS B 76 -38.55 22.62 -10.06
N GLU B 77 -37.44 22.15 -9.44
CA GLU B 77 -37.10 22.56 -8.09
C GLU B 77 -37.00 24.09 -8.02
N LEU B 78 -36.36 24.73 -9.01
CA LEU B 78 -36.23 26.19 -8.93
C LEU B 78 -37.58 26.88 -8.99
N ALA B 79 -38.53 26.30 -9.73
CA ALA B 79 -39.86 26.90 -9.95
C ALA B 79 -40.51 27.37 -8.67
N VAL B 80 -40.31 26.63 -7.59
CA VAL B 80 -40.98 26.95 -6.34
C VAL B 80 -40.32 28.14 -5.64
N ALA B 81 -38.98 28.18 -5.59
CA ALA B 81 -38.33 29.23 -4.81
C ALA B 81 -38.73 30.60 -5.28
N THR B 82 -38.75 30.80 -6.60
CA THR B 82 -39.25 32.06 -7.13
C THR B 82 -40.70 32.28 -6.72
N LYS B 83 -41.57 31.25 -6.92
CA LYS B 83 -42.94 31.28 -6.44
C LYS B 83 -42.99 31.66 -4.98
N VAL B 84 -42.06 31.08 -4.20
CA VAL B 84 -41.98 31.45 -2.81
C VAL B 84 -41.01 32.58 -2.61
N LYS B 85 -40.30 33.02 -3.65
CA LYS B 85 -39.47 34.21 -3.50
C LYS B 85 -40.29 35.39 -3.08
N LYS B 86 -41.48 35.52 -3.64
CA LYS B 86 -42.29 36.67 -3.28
C LYS B 86 -42.87 36.51 -1.89
N HIS B 87 -43.40 35.33 -1.60
CA HIS B 87 -44.05 35.09 -0.32
C HIS B 87 -43.18 35.57 0.82
N LEU B 88 -41.89 35.20 0.81
CA LEU B 88 -40.99 35.65 1.89
C LEU B 88 -40.64 37.12 1.74
N GLN B 89 -40.59 37.59 0.50
CA GLN B 89 -40.28 38.98 0.17
C GLN B 89 -38.93 39.39 0.76
N ASP B 90 -37.98 38.47 0.72
CA ASP B 90 -36.58 38.73 1.02
C ASP B 90 -35.74 38.43 -0.22
N ASP B 91 -34.89 39.39 -0.59
CA ASP B 91 -34.20 39.35 -1.88
C ASP B 91 -33.19 38.20 -1.99
N MET B 92 -32.50 37.87 -0.89
CA MET B 92 -31.47 36.83 -0.88
C MET B 92 -32.01 35.40 -0.65
N PHE B 93 -33.32 35.15 -0.87
CA PHE B 93 -33.85 33.80 -0.60
C PHE B 93 -33.16 32.74 -1.43
N ILE B 94 -32.92 33.03 -2.72
CA ILE B 94 -32.30 32.10 -3.65
C ILE B 94 -30.83 32.49 -3.78
N ILE B 95 -29.97 31.48 -3.74
CA ILE B 95 -28.54 31.70 -3.84
C ILE B 95 -28.02 30.77 -4.91
N PRO B 96 -27.63 31.30 -6.07
CA PRO B 96 -26.97 30.45 -7.06
C PRO B 96 -25.62 30.12 -6.47
N LEU B 97 -25.25 28.88 -6.56
CA LEU B 97 -23.96 28.45 -6.06
C LEU B 97 -23.11 28.22 -7.30
N ALA B 98 -22.27 29.23 -7.63
CA ALA B 98 -21.47 29.18 -8.85
C ALA B 98 -20.20 28.38 -8.59
N ILE B 99 -20.31 27.07 -8.84
CA ILE B 99 -19.23 26.09 -8.74
C ILE B 99 -18.58 25.83 -10.10
N ASP B 100 -19.21 26.24 -11.20
CA ASP B 100 -18.76 25.91 -12.55
C ASP B 100 -17.83 27.00 -13.06
N GLU B 101 -16.57 26.62 -13.35
CA GLU B 101 -15.64 27.51 -14.01
C GLU B 101 -16.10 27.93 -15.41
N ASN B 102 -17.03 27.18 -16.02
CA ASN B 102 -17.41 27.39 -17.44
C ASN B 102 -18.93 27.51 -17.56
N LEU B 103 -19.49 28.59 -16.99
CA LEU B 103 -20.88 28.99 -17.21
C LEU B 103 -20.92 30.18 -18.16
N SER B 104 -21.40 29.92 -19.38
CA SER B 104 -21.84 31.02 -20.22
C SER B 104 -23.13 31.63 -19.67
N TYR B 105 -23.22 32.96 -19.84
CA TYR B 105 -24.40 33.71 -19.46
C TYR B 105 -25.67 33.04 -19.98
N ASP B 106 -25.60 32.55 -21.22
CA ASP B 106 -26.76 31.99 -21.92
C ASP B 106 -27.32 30.76 -21.22
N ASP B 107 -26.44 29.90 -20.69
CA ASP B 107 -26.95 28.73 -19.94
C ASP B 107 -27.72 29.18 -18.71
N ILE B 108 -27.16 30.11 -17.93
CA ILE B 108 -27.72 30.44 -16.62
C ILE B 108 -29.19 30.83 -16.80
N ASN B 109 -30.05 30.31 -15.92
CA ASN B 109 -31.47 30.64 -15.98
C ASN B 109 -31.71 32.07 -15.54
N ILE B 110 -32.66 32.72 -16.24
CA ILE B 110 -32.84 34.16 -16.16
C ILE B 110 -33.04 34.61 -14.72
N GLU B 111 -33.95 33.93 -14.00
CA GLU B 111 -34.25 34.29 -12.62
C GLU B 111 -32.96 34.43 -11.84
N ILE B 112 -32.12 33.40 -11.91
CA ILE B 112 -30.84 33.42 -11.19
C ILE B 112 -29.71 34.09 -11.96
N VAL B 113 -29.86 34.38 -13.25
CA VAL B 113 -28.81 35.21 -13.81
C VAL B 113 -28.71 36.47 -12.97
N ARG B 114 -29.86 37.04 -12.59
CA ARG B 114 -29.83 38.37 -11.98
C ARG B 114 -29.01 38.41 -10.70
N LEU B 115 -29.04 37.35 -9.91
CA LEU B 115 -28.65 37.44 -8.53
C LEU B 115 -27.12 37.51 -8.39
N ASN B 116 -26.67 37.58 -7.13
CA ASN B 116 -25.27 37.78 -6.77
C ASN B 116 -24.53 36.44 -6.72
N ALA B 117 -23.21 36.50 -6.99
CA ALA B 117 -22.40 35.29 -7.23
C ALA B 117 -21.76 34.79 -5.93
N ILE B 118 -22.08 33.55 -5.53
CA ILE B 118 -21.42 32.86 -4.43
C ILE B 118 -20.28 32.04 -5.02
N ASP B 119 -19.08 32.55 -4.88
CA ASP B 119 -18.03 32.15 -5.81
C ASP B 119 -17.36 30.89 -5.28
N PHE B 120 -17.88 29.75 -5.67
CA PHE B 120 -17.20 28.49 -5.41
C PHE B 120 -16.13 28.19 -6.43
N LYS B 121 -15.98 29.02 -7.46
CA LYS B 121 -15.02 28.71 -8.51
C LYS B 121 -13.58 28.86 -8.04
N LYS B 122 -13.23 30.03 -7.47
CA LYS B 122 -11.83 30.29 -7.15
C LYS B 122 -11.30 29.37 -6.05
N SER B 123 -12.11 29.11 -5.04
CA SER B 123 -11.76 28.13 -4.02
C SER B 123 -13.03 27.73 -3.29
N TRP B 124 -13.14 26.42 -2.99
CA TRP B 124 -14.33 25.93 -2.32
C TRP B 124 -14.45 26.52 -0.91
N ALA B 125 -13.31 26.81 -0.31
CA ALA B 125 -13.35 27.35 1.03
C ALA B 125 -13.80 28.79 1.05
N LYS B 126 -13.11 29.67 0.30
CA LYS B 126 -13.46 31.08 0.31
C LYS B 126 -14.95 31.25 0.21
N GLY B 127 -15.56 30.51 -0.71
CA GLY B 127 -16.98 30.59 -0.86
C GLY B 127 -17.75 29.97 0.30
N LEU B 128 -17.27 28.85 0.85
CA LEU B 128 -17.89 28.44 2.10
C LEU B 128 -17.92 29.63 3.05
N GLN B 129 -16.79 30.35 3.17
CA GLN B 129 -16.76 31.59 3.95
C GLN B 129 -17.74 32.62 3.41
N ASP B 130 -17.84 32.74 2.09
CA ASP B 130 -18.73 33.76 1.55
C ASP B 130 -20.19 33.38 1.80
N LEU B 131 -20.53 32.08 1.65
CA LEU B 131 -21.92 31.63 1.83
C LEU B 131 -22.37 31.85 3.26
N LEU B 132 -21.48 31.53 4.20
CA LEU B 132 -21.78 31.75 5.61
C LEU B 132 -21.71 33.25 5.96
N ASP B 133 -20.66 33.94 5.52
CA ASP B 133 -20.58 35.36 5.86
C ASP B 133 -21.80 36.08 5.30
N ALA B 134 -22.25 35.67 4.12
CA ALA B 134 -23.60 36.02 3.72
C ALA B 134 -24.63 35.54 4.75
N PHE B 135 -24.40 34.39 5.40
CA PHE B 135 -25.39 33.91 6.39
C PHE B 135 -25.26 34.65 7.71
N GLU B 136 -24.33 35.60 7.77
CA GLU B 136 -24.19 36.42 8.97
C GLU B 136 -24.93 37.73 8.79
N LYS B 137 -24.78 38.34 7.61
CA LYS B 137 -25.33 39.66 7.37
C LYS B 137 -26.85 39.65 7.43
N GLN B 138 -27.51 38.63 6.84
CA GLN B 138 -28.91 38.32 7.10
C GLN B 138 -28.92 37.17 8.11
N ASN B 139 -29.82 37.24 9.11
CA ASN B 139 -29.77 36.28 10.23
C ASN B 139 -30.58 35.03 9.87
N VAL B 140 -29.91 34.14 9.14
CA VAL B 140 -30.35 32.79 8.87
C VAL B 140 -30.03 31.94 10.17
N PRO B 141 -30.97 31.08 10.55
CA PRO B 141 -30.86 30.45 11.88
C PRO B 141 -29.89 29.29 11.93
N LYS B 142 -29.23 29.14 13.09
CA LYS B 142 -28.14 28.18 13.22
C LYS B 142 -28.21 27.51 14.60
N LYS B 143 -27.71 26.30 14.67
CA LYS B 143 -27.43 25.65 15.93
C LYS B 143 -25.94 25.66 16.17
N PRO B 144 -25.49 25.57 17.42
CA PRO B 144 -24.05 25.50 17.69
C PRO B 144 -23.46 24.24 17.06
N PRO B 145 -22.34 24.39 16.34
CA PRO B 145 -21.93 23.32 15.41
C PRO B 145 -21.69 21.99 16.10
N ASP B 146 -22.25 20.93 15.53
CA ASP B 146 -21.96 19.56 15.92
C ASP B 146 -21.63 18.77 14.67
N HIS B 147 -20.37 18.88 14.23
CA HIS B 147 -19.90 18.00 13.17
C HIS B 147 -20.29 16.55 13.43
N SER B 148 -20.62 16.18 14.66
CA SER B 148 -21.07 14.81 14.90
C SER B 148 -22.27 14.49 14.05
N LYS B 149 -23.20 15.44 13.92
CA LYS B 149 -24.27 15.28 12.97
C LYS B 149 -23.72 15.15 11.55
N SER B 150 -22.73 15.99 11.21
CA SER B 150 -22.13 16.00 9.88
C SER B 150 -21.92 14.58 9.38
N ASN B 151 -21.06 13.84 10.06
CA ASN B 151 -20.64 12.53 9.57
C ASN B 151 -21.44 11.38 10.16
N LEU B 152 -22.35 11.64 11.10
CA LEU B 152 -23.39 10.65 11.33
C LEU B 152 -24.11 10.40 10.02
N LEU B 153 -24.26 11.47 9.28
CA LEU B 153 -24.83 11.38 7.96
C LEU B 153 -23.89 10.65 7.04
N TYR B 154 -22.71 11.25 6.77
CA TYR B 154 -21.74 10.64 5.88
C TYR B 154 -21.62 9.14 6.16
N GLN B 155 -21.40 8.77 7.43
CA GLN B 155 -21.16 7.35 7.74
C GLN B 155 -22.43 6.51 7.58
N GLN B 156 -23.59 7.09 7.83
CA GLN B 156 -24.79 6.27 7.73
C GLN B 156 -25.39 6.38 6.34
N ILE B 157 -25.34 7.56 5.77
CA ILE B 157 -26.04 7.84 4.54
C ILE B 157 -25.18 7.46 3.37
N PHE B 158 -24.14 8.25 3.14
CA PHE B 158 -23.36 8.08 1.94
C PHE B 158 -22.82 6.67 1.89
N LEU B 159 -22.17 6.24 2.97
CA LEU B 159 -21.65 4.91 3.09
C LEU B 159 -22.73 3.85 3.32
N HIS B 160 -24.02 4.24 3.36
CA HIS B 160 -25.05 3.21 3.47
C HIS B 160 -24.86 2.12 2.43
N ASP B 161 -24.69 2.53 1.17
CA ASP B 161 -24.70 1.61 0.03
C ASP B 161 -23.68 0.50 0.21
N LYS B 162 -22.46 0.88 0.50
CA LYS B 162 -21.34 -0.04 0.47
C LYS B 162 -20.64 0.05 1.80
N GLN B 163 -20.76 -0.99 2.61
CA GLN B 163 -19.86 -1.22 3.72
C GLN B 163 -19.84 -2.71 4.00
N ALA B 164 -18.93 -3.09 4.89
CA ALA B 164 -18.93 -4.42 5.47
C ALA B 164 -20.32 -4.82 5.92
N ILE B 165 -20.85 -5.89 5.33
CA ILE B 165 -22.15 -6.39 5.73
C ILE B 165 -21.99 -7.77 6.33
N GLU B 166 -22.71 -8.04 7.41
CA GLU B 166 -22.70 -9.38 7.98
C GLU B 166 -23.16 -10.35 6.89
N LYS B 167 -22.22 -10.82 6.08
CA LYS B 167 -22.50 -11.76 5.01
C LYS B 167 -21.58 -12.95 5.17
N GLU B 168 -21.96 -14.06 4.56
CA GLU B 168 -21.11 -15.24 4.54
C GLU B 168 -20.42 -15.35 3.18
N GLU B 169 -19.14 -15.71 3.20
CA GLU B 169 -18.41 -15.93 1.96
C GLU B 169 -17.22 -16.85 2.19
N THR B 170 -17.02 -17.75 1.25
CA THR B 170 -15.90 -18.67 1.27
C THR B 170 -14.92 -18.29 0.19
N TYR B 171 -13.68 -18.63 0.45
CA TYR B 171 -12.58 -18.27 -0.40
C TYR B 171 -11.66 -19.47 -0.50
N ASP B 172 -11.15 -19.69 -1.71
CA ASP B 172 -10.34 -20.85 -1.98
C ASP B 172 -8.88 -20.42 -1.94
N SER B 173 -8.06 -21.22 -1.27
CA SER B 173 -6.67 -20.86 -1.20
C SER B 173 -6.00 -21.08 -2.54
N ASN B 174 -4.69 -20.89 -2.56
CA ASN B 174 -3.82 -21.46 -3.58
C ASN B 174 -2.89 -22.46 -2.95
N TRP B 175 -3.05 -22.70 -1.65
CA TRP B 175 -2.43 -23.83 -0.95
C TRP B 175 -3.32 -25.06 -1.18
N PHE B 176 -2.68 -26.17 -1.54
CA PHE B 176 -3.23 -27.46 -1.98
C PHE B 176 -2.64 -28.52 -1.07
N PRO B 177 -3.38 -28.90 -0.02
CA PRO B 177 -2.79 -29.72 1.04
C PRO B 177 -2.33 -31.06 0.49
N ILE B 178 -1.07 -31.39 0.77
CA ILE B 178 -0.63 -32.77 0.65
C ILE B 178 -1.63 -33.70 1.37
N ILE B 179 -1.90 -34.85 0.78
CA ILE B 179 -2.82 -35.82 1.34
C ILE B 179 -2.07 -36.93 2.03
N SER B 180 -1.18 -37.63 1.31
CA SER B 180 -0.51 -38.83 1.80
C SER B 180 1.00 -38.75 1.59
N PHE B 181 1.77 -39.03 2.66
CA PHE B 181 3.21 -39.06 2.65
C PHE B 181 3.74 -40.49 2.84
N PRO B 182 4.90 -40.80 2.21
CA PRO B 182 5.51 -42.14 2.36
C PRO B 182 5.76 -42.55 3.81
N ASN B 183 5.34 -43.78 4.15
CA ASN B 183 5.24 -44.19 5.55
C ASN B 183 6.51 -43.86 6.34
N GLU B 184 7.66 -43.96 5.70
CA GLU B 184 8.94 -43.60 6.28
C GLU B 184 9.66 -42.63 5.35
N LEU B 185 10.61 -41.93 5.91
CA LEU B 185 11.67 -41.30 5.14
C LEU B 185 12.95 -42.04 5.49
N ARG B 186 13.64 -42.59 4.50
CA ARG B 186 14.89 -43.28 4.78
C ARG B 186 16.07 -42.56 4.14
N PHE B 187 17.24 -42.81 4.76
CA PHE B 187 18.52 -42.15 4.47
C PHE B 187 19.59 -43.20 4.17
N HIS B 188 20.16 -43.19 2.96
CA HIS B 188 21.00 -44.27 2.52
C HIS B 188 22.47 -43.92 2.67
N ARG B 189 23.16 -44.67 3.55
CA ARG B 189 24.60 -44.72 3.63
C ARG B 189 25.12 -45.35 2.35
N TYR B 190 24.84 -44.65 1.24
CA TYR B 190 25.19 -45.13 -0.09
C TYR B 190 26.67 -45.47 -0.22
N ASP B 191 27.53 -44.60 0.30
CA ASP B 191 28.98 -44.81 0.43
C ASP B 191 29.56 -45.01 -1.00
N TRP B 192 30.26 -46.14 -1.24
CA TRP B 192 31.00 -46.24 -2.50
C TRP B 192 30.09 -46.07 -3.70
N ARG B 193 28.81 -46.43 -3.53
CA ARG B 193 27.86 -46.31 -4.63
C ARG B 193 27.60 -44.84 -4.98
N LEU B 194 27.49 -43.98 -3.98
CA LEU B 194 27.29 -42.58 -4.26
C LEU B 194 28.52 -42.01 -4.93
N PRO B 195 28.37 -41.27 -5.98
CA PRO B 195 29.44 -40.38 -6.43
C PRO B 195 29.03 -38.94 -6.21
N LYS B 196 29.81 -38.20 -5.43
CA LYS B 196 29.47 -36.80 -5.16
C LYS B 196 29.50 -35.96 -6.44
N GLN B 197 30.45 -36.25 -7.34
CA GLN B 197 30.54 -35.44 -8.55
C GLN B 197 29.27 -35.53 -9.39
N PHE B 198 28.53 -36.63 -9.30
CA PHE B 198 27.34 -36.82 -10.13
C PHE B 198 26.20 -35.94 -9.68
N ASP B 199 25.38 -35.57 -10.63
CA ASP B 199 24.15 -34.82 -10.44
C ASP B 199 22.99 -35.81 -10.50
N VAL B 200 22.10 -35.75 -9.51
CA VAL B 200 20.97 -36.68 -9.48
C VAL B 200 19.68 -36.07 -9.97
N ARG B 201 19.70 -34.89 -10.51
CA ARG B 201 18.42 -34.34 -10.95
C ARG B 201 18.03 -34.83 -12.35
N THR B 202 18.87 -35.66 -12.96
CA THR B 202 18.48 -36.55 -14.06
C THR B 202 18.27 -37.98 -13.56
N LEU B 203 18.22 -38.16 -12.24
CA LEU B 203 17.94 -39.44 -11.61
C LEU B 203 16.45 -39.65 -11.43
N ALA B 204 15.63 -38.90 -12.17
CA ALA B 204 14.22 -39.22 -12.37
C ALA B 204 13.49 -39.52 -11.06
N PHE B 205 14.14 -39.22 -9.93
CA PHE B 205 13.52 -39.32 -8.62
C PHE B 205 14.19 -38.32 -7.70
N PRO B 206 13.47 -37.79 -6.74
CA PRO B 206 13.99 -36.68 -5.97
C PRO B 206 15.11 -37.17 -5.07
N ALA B 207 16.34 -36.76 -5.37
CA ALA B 207 17.52 -37.20 -4.63
C ALA B 207 18.40 -36.00 -4.31
N ILE B 208 18.94 -35.97 -3.09
CA ILE B 208 19.87 -34.93 -2.68
C ILE B 208 20.91 -35.48 -1.72
N ARG B 209 22.07 -34.80 -1.70
CA ARG B 209 23.27 -35.16 -0.93
C ARG B 209 23.27 -34.44 0.41
N TYR B 210 22.96 -35.20 1.45
CA TYR B 210 22.94 -34.75 2.84
C TYR B 210 24.00 -35.51 3.62
N LYS B 211 25.05 -34.81 4.07
CA LYS B 211 26.19 -35.49 4.73
C LYS B 211 26.79 -36.58 3.82
N GLU B 212 27.05 -37.79 4.36
CA GLU B 212 27.50 -38.90 3.53
C GLU B 212 26.41 -39.95 3.28
N TYR B 213 25.24 -39.77 3.88
CA TYR B 213 24.05 -40.57 3.68
C TYR B 213 23.26 -39.98 2.48
N LEU B 214 22.28 -40.73 1.97
CA LEU B 214 21.49 -40.29 0.82
C LEU B 214 20.01 -40.11 1.17
N CYS B 215 19.45 -38.95 0.84
CA CYS B 215 18.11 -38.58 1.26
C CYS B 215 17.15 -38.71 0.10
N THR B 216 16.03 -39.40 0.35
CA THR B 216 14.91 -39.43 -0.58
C THR B 216 13.79 -40.24 0.06
N PHE B 217 12.60 -40.17 -0.56
CA PHE B 217 11.47 -41.06 -0.32
C PHE B 217 11.49 -42.28 -1.22
N ALA B 218 12.36 -42.29 -2.23
CA ALA B 218 12.63 -43.48 -3.01
C ALA B 218 13.41 -44.50 -2.16
N TRP B 219 12.90 -45.74 -2.13
CA TRP B 219 13.60 -46.84 -1.49
C TRP B 219 14.87 -47.21 -2.29
N GLU B 220 15.95 -47.48 -1.55
CA GLU B 220 17.29 -47.71 -2.13
C GLU B 220 17.25 -48.46 -3.46
N TYR B 221 16.32 -49.41 -3.61
CA TYR B 221 16.32 -50.24 -4.82
C TYR B 221 15.96 -49.46 -6.07
N ASP B 222 15.63 -48.18 -5.96
CA ASP B 222 14.88 -47.54 -7.05
C ASP B 222 15.80 -47.00 -8.12
N PHE B 223 17.00 -46.59 -7.77
CA PHE B 223 17.94 -46.03 -8.74
C PHE B 223 18.82 -47.15 -9.26
N ILE B 224 18.54 -47.62 -10.47
CA ILE B 224 19.27 -48.76 -11.01
C ILE B 224 20.00 -48.35 -12.27
N HIS B 225 19.27 -47.84 -13.27
CA HIS B 225 19.87 -47.55 -14.57
C HIS B 225 20.99 -46.54 -14.46
N GLN B 226 20.83 -45.57 -13.57
CA GLN B 226 21.83 -44.53 -13.52
C GLN B 226 22.74 -44.67 -12.31
N LEU B 227 22.73 -45.79 -11.61
CA LEU B 227 23.45 -45.92 -10.33
C LEU B 227 23.85 -47.37 -10.11
N PRO B 228 24.93 -47.81 -10.74
CA PRO B 228 25.30 -49.23 -10.73
C PRO B 228 25.96 -49.64 -9.41
N LYS B 229 26.24 -50.94 -9.32
CA LYS B 229 27.02 -51.55 -8.24
C LYS B 229 26.55 -51.08 -6.87
N THR B 230 25.23 -51.06 -6.69
CA THR B 230 24.63 -50.72 -5.40
C THR B 230 23.77 -51.86 -4.86
N GLU B 231 23.78 -53.01 -5.50
CA GLU B 231 23.13 -54.16 -4.87
C GLU B 231 23.89 -54.62 -3.62
N THR B 232 24.86 -53.77 -3.27
CA THR B 232 25.88 -54.01 -2.26
C THR B 232 25.53 -53.35 -0.95
N TYR B 233 24.35 -52.77 -0.84
CA TYR B 233 23.97 -51.99 0.30
C TYR B 233 22.96 -52.78 1.13
N ASN B 234 23.32 -53.03 2.39
CA ASN B 234 22.39 -53.70 3.28
C ASN B 234 21.09 -52.90 3.33
N GLY B 235 19.96 -53.63 3.27
CA GLY B 235 18.68 -52.96 3.42
C GLY B 235 18.52 -52.38 4.81
N GLN B 236 19.15 -53.01 5.80
CA GLN B 236 19.04 -52.60 7.20
C GLN B 236 19.80 -51.31 7.45
N GLU B 237 21.00 -51.20 6.89
CA GLU B 237 21.97 -50.21 7.36
C GLU B 237 21.37 -48.79 7.42
N SER B 238 20.24 -48.54 6.77
CA SER B 238 19.86 -47.14 6.54
C SER B 238 18.83 -46.70 7.57
N ILE B 239 19.07 -45.49 8.09
CA ILE B 239 18.12 -44.90 9.00
C ILE B 239 16.78 -44.82 8.31
N ARG B 240 15.74 -45.17 9.06
CA ARG B 240 14.38 -45.25 8.57
C ARG B 240 13.57 -44.45 9.57
N ILE B 241 13.56 -43.13 9.38
CA ILE B 241 12.96 -42.18 10.29
C ILE B 241 11.47 -42.01 9.97
N SER B 242 10.62 -42.09 11.01
CA SER B 242 9.16 -42.09 10.85
C SER B 242 8.64 -40.71 10.45
N THR B 243 8.08 -40.60 9.25
CA THR B 243 7.61 -39.33 8.72
C THR B 243 6.45 -38.76 9.53
N SER B 244 5.52 -39.62 9.97
CA SER B 244 4.37 -39.19 10.75
C SER B 244 4.78 -38.51 12.06
N ASP B 245 6.05 -38.67 12.42
CA ASP B 245 6.72 -38.00 13.53
C ASP B 245 7.32 -36.65 13.12
N ILE B 246 7.87 -36.52 11.91
CA ILE B 246 8.72 -35.36 11.60
C ILE B 246 7.92 -34.07 11.60
N LEU B 247 6.72 -34.10 11.00
CA LEU B 247 5.80 -32.96 11.09
C LEU B 247 5.55 -32.56 12.54
N SER B 248 5.42 -33.55 13.44
CA SER B 248 5.04 -33.25 14.82
C SER B 248 6.14 -32.50 15.58
N GLY B 249 7.40 -32.69 15.20
CA GLY B 249 8.53 -32.39 16.06
C GLY B 249 8.98 -33.53 16.94
N ARG B 250 8.28 -34.67 16.87
CA ARG B 250 8.68 -35.86 17.63
C ARG B 250 10.11 -36.25 17.34
N TYR B 251 10.52 -36.08 16.10
CA TYR B 251 11.91 -36.29 15.68
C TYR B 251 12.74 -35.04 15.94
N ASP B 252 13.71 -35.17 16.84
CA ASP B 252 14.83 -34.24 17.03
C ASP B 252 16.06 -35.10 17.29
N THR B 253 16.91 -35.30 16.27
CA THR B 253 18.21 -35.89 16.53
C THR B 253 19.19 -34.75 16.74
N ASP B 254 19.99 -34.86 17.81
CA ASP B 254 21.08 -33.91 17.97
C ASP B 254 22.04 -33.97 16.80
N PHE B 255 22.02 -35.09 16.03
CA PHE B 255 22.82 -35.12 14.81
C PHE B 255 22.16 -34.28 13.72
N ILE B 256 20.84 -34.37 13.52
CA ILE B 256 20.14 -33.40 12.68
C ILE B 256 18.75 -33.12 13.30
N ARG B 257 18.41 -31.83 13.43
CA ARG B 257 17.15 -31.39 14.03
C ARG B 257 16.02 -31.41 13.02
N ASN B 258 14.79 -31.34 13.53
CA ASN B 258 13.65 -31.46 12.65
C ASN B 258 13.64 -30.33 11.65
N TYR B 259 14.06 -29.14 12.08
CA TYR B 259 14.11 -27.98 11.19
C TYR B 259 14.96 -28.33 9.98
N GLU B 260 15.99 -29.12 10.20
CA GLU B 260 16.75 -29.63 9.07
C GLU B 260 15.88 -30.55 8.24
N CYS B 261 15.10 -31.41 8.90
CA CYS B 261 14.35 -32.43 8.16
C CYS B 261 13.21 -31.82 7.36
N GLN B 262 12.52 -30.84 7.95
CA GLN B 262 11.41 -30.20 7.26
C GLN B 262 11.88 -29.50 5.99
N ARG B 263 13.00 -28.76 6.07
CA ARG B 263 13.55 -28.15 4.88
C ARG B 263 13.82 -29.20 3.82
N LEU B 264 14.18 -30.42 4.24
CA LEU B 264 14.66 -31.42 3.29
C LEU B 264 13.54 -32.01 2.44
N ILE B 265 12.32 -32.01 2.97
CA ILE B 265 11.18 -32.59 2.26
C ILE B 265 10.83 -31.74 1.05
N VAL B 266 11.18 -30.46 1.10
CA VAL B 266 10.60 -29.49 0.17
C VAL B 266 11.24 -29.63 -1.20
N GLN B 267 12.57 -29.48 -1.29
CA GLN B 267 13.31 -29.74 -2.53
C GLN B 267 12.74 -30.98 -3.24
N LEU B 268 12.48 -32.05 -2.46
CA LEU B 268 11.91 -33.29 -2.99
C LEU B 268 10.52 -33.08 -3.57
N ILE B 269 9.62 -32.60 -2.72
CA ILE B 269 8.29 -32.21 -3.14
C ILE B 269 8.37 -31.38 -4.42
N ASN B 270 9.14 -30.28 -4.38
CA ASN B 270 9.22 -29.40 -5.54
C ASN B 270 9.87 -30.13 -6.72
N LYS B 271 10.85 -31.01 -6.41
CA LYS B 271 11.43 -31.87 -7.43
C LYS B 271 10.42 -32.92 -7.89
N ALA B 272 9.79 -33.63 -6.94
CA ALA B 272 8.73 -34.54 -7.32
C ALA B 272 7.78 -33.87 -8.28
N PHE B 273 7.44 -32.61 -7.99
CA PHE B 273 6.68 -31.81 -8.92
C PHE B 273 7.43 -31.65 -10.23
N GLU B 274 8.65 -31.10 -10.16
CA GLU B 274 9.38 -30.75 -11.38
C GLU B 274 9.53 -31.96 -12.30
N LEU B 275 9.61 -33.16 -11.71
CA LEU B 275 9.71 -34.36 -12.53
C LEU B 275 8.37 -34.75 -13.08
N ARG B 276 7.33 -34.61 -12.24
CA ARG B 276 6.00 -34.99 -12.68
C ARG B 276 5.59 -34.20 -13.91
N MET B 277 6.00 -32.93 -13.98
CA MET B 277 5.64 -32.06 -15.09
C MET B 277 6.50 -32.32 -16.31
N LYS B 278 7.61 -33.07 -16.13
CA LYS B 278 8.33 -33.61 -17.28
C LYS B 278 7.40 -34.46 -18.14
N ASP B 279 6.40 -35.07 -17.52
CA ASP B 279 5.48 -35.99 -18.19
C ASP B 279 4.07 -35.81 -17.62
N LYS B 280 3.45 -34.66 -17.92
CA LYS B 280 2.06 -34.39 -17.59
C LYS B 280 1.44 -33.32 -18.51
N ASN B 281 2.00 -33.14 -19.70
CA ASN B 281 1.37 -32.45 -20.85
C ASN B 281 1.49 -30.94 -20.86
N VAL B 282 2.46 -30.34 -20.19
CA VAL B 282 2.58 -28.88 -20.19
C VAL B 282 4.03 -28.46 -20.48
N ARG B 283 4.21 -27.58 -21.45
CA ARG B 283 5.50 -26.96 -21.69
C ARG B 283 5.84 -26.07 -20.50
N GLU B 284 7.12 -25.98 -20.17
CA GLU B 284 7.54 -25.34 -18.92
C GLU B 284 8.20 -24.00 -19.21
N TYR B 285 7.76 -22.94 -18.51
CA TYR B 285 8.46 -21.65 -18.54
C TYR B 285 9.52 -21.66 -17.45
N GLN B 286 10.76 -21.35 -17.82
CA GLN B 286 11.84 -21.28 -16.84
C GLN B 286 12.04 -19.84 -16.37
N MET B 287 11.71 -19.61 -15.10
CA MET B 287 12.27 -18.54 -14.30
C MET B 287 13.38 -19.16 -13.48
N SER B 288 14.38 -18.33 -13.19
CA SER B 288 15.51 -18.75 -12.40
C SER B 288 15.06 -19.42 -11.10
N LYS B 289 14.10 -18.81 -10.38
CA LYS B 289 13.69 -19.31 -9.05
C LYS B 289 13.24 -20.79 -9.09
N THR B 290 12.30 -21.10 -9.96
CA THR B 290 11.83 -22.45 -10.21
C THR B 290 11.11 -22.42 -11.55
N PHE B 291 10.51 -23.54 -11.95
CA PHE B 291 9.87 -23.53 -13.25
C PHE B 291 8.39 -23.16 -13.15
N ALA B 292 7.85 -22.60 -14.24
CA ALA B 292 6.42 -22.32 -14.38
C ALA B 292 5.86 -23.23 -15.47
N TYR B 293 4.65 -23.74 -15.28
CA TYR B 293 4.06 -24.72 -16.19
C TYR B 293 2.80 -24.18 -16.87
N TRP B 294 2.92 -23.95 -18.16
CA TRP B 294 1.88 -23.37 -19.00
C TRP B 294 1.57 -24.39 -20.08
N ILE B 295 0.29 -24.68 -20.26
CA ILE B 295 -0.05 -25.59 -21.33
C ILE B 295 0.08 -24.85 -22.66
N GLU B 296 0.62 -25.57 -23.68
CA GLU B 296 0.84 -25.08 -25.03
C GLU B 296 -0.49 -24.93 -25.78
N LYS B 297 -0.44 -24.24 -26.92
CA LYS B 297 -1.66 -23.99 -27.70
C LYS B 297 -2.20 -25.28 -28.30
N GLY B 298 -3.52 -25.48 -28.17
CA GLY B 298 -4.19 -26.59 -28.82
C GLY B 298 -4.22 -27.89 -28.05
N LYS B 299 -3.62 -27.94 -26.86
CA LYS B 299 -3.61 -29.20 -26.13
C LYS B 299 -4.99 -29.52 -25.57
N LEU B 300 -5.73 -28.50 -25.14
CA LEU B 300 -7.12 -28.65 -24.74
C LEU B 300 -8.04 -28.08 -25.80
N GLU B 301 -9.22 -28.69 -25.90
CA GLU B 301 -10.09 -28.40 -27.04
C GLU B 301 -10.45 -26.92 -27.08
N LYS B 302 -10.15 -26.31 -28.22
CA LYS B 302 -10.33 -24.87 -28.42
C LYS B 302 -9.65 -24.07 -27.33
N ASP B 303 -8.58 -24.61 -26.78
CA ASP B 303 -7.81 -23.93 -25.73
C ASP B 303 -8.68 -23.64 -24.52
N LYS B 304 -9.46 -24.63 -24.14
CA LYS B 304 -10.24 -24.58 -22.93
C LYS B 304 -10.18 -25.91 -22.23
N PHE B 305 -10.11 -25.85 -20.91
CA PHE B 305 -10.20 -27.00 -20.03
C PHE B 305 -11.47 -26.83 -19.20
N GLU B 306 -12.31 -27.89 -19.12
CA GLU B 306 -13.41 -27.97 -18.12
C GLU B 306 -14.25 -26.65 -18.09
N LYS B 307 -14.40 -25.98 -19.26
CA LYS B 307 -15.09 -24.72 -19.55
C LYS B 307 -14.21 -23.51 -19.31
N ILE B 308 -13.11 -23.68 -18.73
CA ILE B 308 -12.24 -22.55 -18.46
C ILE B 308 -11.38 -22.34 -19.68
N LYS B 309 -10.82 -21.14 -19.81
CA LYS B 309 -9.94 -20.80 -20.90
C LYS B 309 -8.55 -20.55 -20.33
N LEU B 310 -7.70 -21.56 -20.44
CA LEU B 310 -6.36 -21.50 -19.87
C LEU B 310 -5.30 -21.12 -20.90
N VAL B 311 -5.68 -20.94 -22.15
CA VAL B 311 -4.81 -20.35 -23.14
C VAL B 311 -5.65 -19.40 -23.96
N GLY B 312 -5.15 -18.20 -24.18
CA GLY B 312 -5.92 -17.22 -24.91
C GLY B 312 -5.06 -16.37 -25.80
N LYS B 313 -5.51 -15.14 -26.02
CA LYS B 313 -4.77 -14.32 -26.95
C LYS B 313 -4.79 -12.88 -26.53
N GLN B 314 -3.66 -12.24 -26.74
CA GLN B 314 -3.49 -10.84 -26.48
C GLN B 314 -2.70 -10.24 -27.65
N LYS B 315 -3.28 -9.24 -28.30
CA LYS B 315 -2.54 -8.52 -29.35
C LYS B 315 -2.01 -9.60 -30.33
N ASN B 316 -0.73 -9.55 -30.68
CA ASN B 316 -0.23 -10.61 -31.55
C ASN B 316 0.43 -11.73 -30.76
N LYS B 317 0.15 -11.81 -29.48
CA LYS B 317 0.80 -12.81 -28.64
C LYS B 317 -0.25 -13.60 -27.91
N TYR B 318 -0.16 -14.91 -28.02
CA TYR B 318 -1.03 -15.75 -27.24
C TYR B 318 -0.62 -15.68 -25.78
N TRP B 319 -1.58 -15.75 -24.88
CA TRP B 319 -1.24 -15.94 -23.48
C TRP B 319 -1.59 -17.37 -23.04
N HIS B 320 -0.83 -17.91 -22.09
CA HIS B 320 -1.08 -19.24 -21.55
C HIS B 320 -0.86 -19.24 -20.06
N PHE B 321 -1.94 -19.45 -19.34
CA PHE B 321 -1.88 -19.61 -17.91
C PHE B 321 -0.82 -20.63 -17.51
N GLY B 322 0.09 -20.21 -16.62
CA GLY B 322 1.05 -21.10 -16.03
C GLY B 322 0.92 -21.08 -14.53
N ILE B 323 1.52 -22.08 -13.87
CA ILE B 323 1.52 -22.18 -12.41
C ILE B 323 2.92 -22.52 -11.92
N SER B 324 3.11 -22.34 -10.61
CA SER B 324 4.32 -22.76 -9.94
C SER B 324 3.99 -23.58 -8.70
N ALA B 325 4.98 -24.36 -8.27
CA ALA B 325 4.89 -25.17 -7.05
C ALA B 325 5.95 -24.72 -6.06
N ALA B 326 5.52 -23.92 -5.10
CA ALA B 326 6.14 -23.92 -3.79
C ALA B 326 5.46 -25.01 -2.98
N GLY B 327 6.24 -25.81 -2.27
CA GLY B 327 5.71 -26.67 -1.23
C GLY B 327 6.15 -26.09 0.13
N LYS B 328 5.17 -25.91 1.02
CA LYS B 328 5.49 -25.44 2.37
C LYS B 328 4.97 -26.47 3.35
N LEU B 329 5.69 -26.70 4.45
CA LEU B 329 5.25 -27.69 5.43
C LEU B 329 4.27 -27.11 6.46
N TYR B 330 4.33 -25.82 6.71
CA TYR B 330 3.74 -25.27 7.92
C TYR B 330 2.77 -24.16 7.58
N PRO B 331 1.62 -24.08 8.29
CA PRO B 331 1.11 -24.90 9.41
C PRO B 331 0.75 -26.30 9.00
N SER B 332 -0.09 -26.42 7.99
CA SER B 332 -0.33 -27.71 7.40
C SER B 332 0.48 -27.85 6.14
N PRO B 333 1.09 -29.02 5.96
CA PRO B 333 1.87 -29.26 4.75
C PRO B 333 0.99 -29.21 3.51
N VAL B 334 1.40 -28.36 2.55
CA VAL B 334 0.60 -28.09 1.34
C VAL B 334 1.55 -27.90 0.17
N LEU B 335 1.01 -27.94 -1.03
CA LEU B 335 1.69 -27.42 -2.20
C LEU B 335 1.11 -26.05 -2.53
N MET B 336 1.93 -25.01 -2.52
CA MET B 336 1.47 -23.68 -2.90
C MET B 336 1.52 -23.54 -4.42
N VAL B 337 0.54 -22.85 -4.97
CA VAL B 337 0.52 -22.61 -6.41
C VAL B 337 0.32 -21.13 -6.67
N SER B 338 1.38 -20.48 -7.12
CA SER B 338 1.32 -19.10 -7.57
C SER B 338 1.03 -19.10 -9.04
N SER B 339 0.19 -18.18 -9.45
CA SER B 339 -0.28 -18.17 -10.82
C SER B 339 0.64 -17.28 -11.64
N HIS B 340 0.70 -17.56 -12.94
CA HIS B 340 1.58 -16.81 -13.82
C HIS B 340 0.89 -16.58 -15.13
N ILE B 341 1.52 -15.74 -15.92
CA ILE B 341 1.09 -15.57 -17.29
C ILE B 341 2.33 -15.59 -18.16
N ILE B 342 2.49 -16.70 -18.87
CA ILE B 342 3.53 -16.92 -19.87
C ILE B 342 3.05 -16.35 -21.19
N PHE B 343 3.94 -16.27 -22.18
CA PHE B 343 3.56 -15.65 -23.43
C PHE B 343 4.35 -16.20 -24.59
N THR B 344 3.66 -16.21 -25.72
CA THR B 344 4.11 -16.80 -26.95
C THR B 344 3.48 -16.00 -28.08
N MET B 345 4.30 -15.61 -29.05
CA MET B 345 3.74 -14.97 -30.24
C MET B 345 3.05 -16.01 -31.11
N ASP B 346 3.51 -17.26 -31.02
CA ASP B 346 2.91 -18.37 -31.71
C ASP B 346 2.66 -19.49 -30.73
N GLY B 347 1.86 -20.47 -31.18
CA GLY B 347 1.27 -21.45 -30.28
C GLY B 347 2.21 -21.98 -29.21
N ILE B 348 3.46 -22.27 -29.57
CA ILE B 348 4.28 -23.14 -28.74
C ILE B 348 5.73 -22.66 -28.64
N ASN B 349 6.10 -21.52 -29.26
CA ASN B 349 7.49 -21.03 -29.23
C ASN B 349 7.60 -19.79 -28.34
N LEU B 350 8.35 -19.94 -27.25
CA LEU B 350 8.25 -19.00 -26.15
C LEU B 350 8.96 -17.71 -26.49
N ILE B 351 8.38 -16.62 -25.99
CA ILE B 351 8.92 -15.30 -26.30
C ILE B 351 10.31 -15.15 -25.68
N LYS B 352 11.15 -14.36 -26.32
CA LYS B 352 12.57 -14.34 -25.98
C LYS B 352 12.85 -13.44 -24.79
N SER B 353 12.44 -12.18 -24.85
CA SER B 353 12.80 -11.17 -23.87
C SER B 353 11.67 -10.91 -22.88
N LYS B 354 12.02 -11.02 -21.61
CA LYS B 354 11.05 -10.90 -20.54
C LYS B 354 10.52 -9.47 -20.46
N SER B 355 11.31 -8.50 -20.93
CA SER B 355 10.83 -7.12 -20.96
C SER B 355 9.50 -7.06 -21.68
N ILE B 356 9.40 -7.74 -22.82
CA ILE B 356 8.09 -7.86 -23.44
C ILE B 356 7.17 -8.67 -22.53
N GLN B 357 7.72 -9.67 -21.83
CA GLN B 357 6.90 -10.58 -21.04
C GLN B 357 6.30 -9.88 -19.84
N HIS B 358 7.12 -9.02 -19.22
CA HIS B 358 6.69 -8.19 -18.14
C HIS B 358 5.61 -7.23 -18.59
N SER B 359 5.92 -6.36 -19.55
CA SER B 359 4.88 -5.50 -20.08
C SER B 359 3.58 -6.31 -20.42
N SER B 360 3.69 -7.53 -21.13
CA SER B 360 2.47 -8.34 -21.47
C SER B 360 1.77 -8.82 -20.18
N ARG B 361 2.57 -9.33 -19.24
CA ARG B 361 1.99 -9.85 -18.03
C ARG B 361 1.20 -8.77 -17.35
N ARG B 362 1.76 -7.57 -17.30
CA ARG B 362 0.98 -6.48 -16.75
C ARG B 362 -0.21 -6.17 -17.62
N LYS B 363 -0.03 -6.10 -18.94
CA LYS B 363 -1.15 -5.73 -19.80
C LYS B 363 -2.30 -6.71 -19.67
N GLN B 364 -1.98 -8.01 -19.69
CA GLN B 364 -3.05 -9.00 -19.67
C GLN B 364 -3.69 -9.15 -18.29
N GLY B 365 -2.88 -9.00 -17.23
CA GLY B 365 -3.41 -9.09 -15.89
C GLY B 365 -4.60 -8.16 -15.67
N LYS B 366 -4.48 -6.88 -16.09
CA LYS B 366 -5.58 -5.94 -15.93
C LYS B 366 -6.91 -6.57 -16.27
N ASN B 367 -6.90 -7.49 -17.22
CA ASN B 367 -8.14 -8.12 -17.62
C ASN B 367 -8.68 -9.04 -16.54
N TRP B 368 -7.83 -9.85 -15.93
CA TRP B 368 -8.32 -10.87 -15.03
C TRP B 368 -8.70 -10.31 -13.66
N TRP B 369 -9.95 -10.55 -13.23
CA TRP B 369 -10.41 -10.18 -11.89
C TRP B 369 -10.61 -11.45 -11.04
N ASN B 370 -10.87 -11.27 -9.73
CA ASN B 370 -10.74 -12.32 -8.70
C ASN B 370 -11.43 -13.58 -9.16
N ASP B 371 -12.65 -13.43 -9.68
CA ASP B 371 -13.29 -14.59 -10.28
C ASP B 371 -12.36 -15.26 -11.29
N LYS B 372 -11.72 -14.49 -12.17
CA LYS B 372 -10.99 -15.11 -13.27
C LYS B 372 -9.71 -15.81 -12.81
N TRP B 373 -8.89 -15.12 -12.01
CA TRP B 373 -7.66 -15.75 -11.54
C TRP B 373 -7.96 -17.07 -10.82
N ARG B 374 -9.05 -17.11 -10.05
CA ARG B 374 -9.35 -18.32 -9.28
C ARG B 374 -9.69 -19.51 -10.17
N GLU B 375 -10.67 -19.34 -11.05
CA GLU B 375 -11.11 -20.45 -11.89
C GLU B 375 -9.95 -21.06 -12.64
N LYS B 376 -9.24 -20.22 -13.40
CA LYS B 376 -8.12 -20.72 -14.19
C LYS B 376 -7.16 -21.54 -13.33
N LEU B 377 -6.72 -21.02 -12.18
CA LEU B 377 -5.86 -21.79 -11.27
C LEU B 377 -6.53 -23.11 -10.90
N LEU B 378 -7.68 -23.05 -10.19
CA LEU B 378 -8.38 -24.25 -9.80
C LEU B 378 -8.41 -25.26 -10.93
N ALA B 379 -8.87 -24.81 -12.10
CA ALA B 379 -8.91 -25.69 -13.27
C ALA B 379 -7.53 -26.20 -13.65
N PHE B 380 -6.53 -25.31 -13.73
CA PHE B 380 -5.18 -25.82 -14.00
C PHE B 380 -4.85 -26.97 -13.05
N ILE B 381 -5.13 -26.81 -11.77
CA ILE B 381 -4.84 -27.91 -10.85
C ILE B 381 -5.86 -29.03 -11.06
N ARG B 382 -7.12 -28.69 -11.30
CA ARG B 382 -8.00 -29.73 -11.79
C ARG B 382 -7.39 -30.39 -13.02
N PHE B 383 -6.74 -29.59 -13.88
CA PHE B 383 -6.20 -30.10 -15.13
C PHE B 383 -5.20 -31.22 -14.88
N LEU B 384 -4.19 -30.92 -14.08
CA LEU B 384 -3.08 -31.85 -13.92
C LEU B 384 -3.56 -33.14 -13.31
N SER B 385 -4.56 -33.06 -12.41
CA SER B 385 -4.91 -34.15 -11.50
C SER B 385 -4.95 -35.47 -12.25
N ASP B 386 -4.36 -36.49 -11.64
CA ASP B 386 -4.33 -37.79 -12.27
C ASP B 386 -5.36 -38.74 -11.67
N ASP B 387 -6.23 -38.23 -10.80
CA ASP B 387 -7.47 -38.92 -10.48
C ASP B 387 -8.43 -37.92 -9.85
N GLN B 388 -9.50 -38.48 -9.26
CA GLN B 388 -10.65 -37.67 -8.87
C GLN B 388 -10.31 -36.66 -7.77
N ASN B 389 -9.45 -37.02 -6.82
CA ASN B 389 -9.29 -36.18 -5.63
C ASN B 389 -7.92 -35.54 -5.47
N ALA B 390 -6.94 -35.87 -6.31
CA ALA B 390 -5.59 -35.38 -6.07
C ALA B 390 -4.67 -35.52 -7.28
N ILE B 391 -3.46 -34.94 -7.11
CA ILE B 391 -2.32 -35.19 -7.98
C ILE B 391 -1.45 -36.31 -7.42
N TYR B 392 -0.77 -37.01 -8.32
CA TYR B 392 0.34 -37.89 -7.99
C TYR B 392 1.66 -37.13 -8.22
N LEU B 393 2.61 -37.26 -7.31
CA LEU B 393 4.02 -36.97 -7.58
C LEU B 393 4.81 -38.21 -7.23
N ASN B 394 5.74 -38.52 -8.08
CA ASN B 394 6.39 -39.80 -8.08
C ASN B 394 7.77 -39.59 -7.49
N VAL B 395 7.88 -39.84 -6.17
CA VAL B 395 9.18 -39.92 -5.51
C VAL B 395 9.86 -41.23 -5.87
N GLY B 396 9.06 -42.23 -6.21
CA GLY B 396 9.55 -43.57 -6.49
C GLY B 396 8.43 -44.46 -6.96
N SER B 397 8.80 -45.69 -7.24
CA SER B 397 7.86 -46.63 -7.84
C SER B 397 6.70 -46.92 -6.91
N GLU B 398 6.98 -47.41 -5.70
CA GLU B 398 5.94 -47.72 -4.72
C GLU B 398 5.57 -46.54 -3.84
N GLU B 399 6.32 -45.45 -3.88
CA GLU B 399 6.03 -44.34 -2.99
C GLU B 399 5.55 -43.16 -3.82
N LYS B 400 4.49 -42.52 -3.33
CA LYS B 400 3.92 -41.39 -4.01
C LYS B 400 3.45 -40.36 -3.02
N ILE B 401 3.48 -39.13 -3.47
CA ILE B 401 2.94 -37.98 -2.76
C ILE B 401 1.64 -37.64 -3.47
N LEU B 402 0.56 -37.48 -2.72
CA LEU B 402 -0.76 -37.19 -3.29
C LEU B 402 -1.25 -35.82 -2.82
N ILE B 403 -1.38 -34.81 -3.70
CA ILE B 403 -1.83 -33.49 -3.24
C ILE B 403 -3.28 -33.35 -3.68
N SER B 404 -4.17 -32.95 -2.74
CA SER B 404 -5.52 -32.44 -3.04
C SER B 404 -5.48 -31.39 -4.14
N ASN B 405 -6.43 -31.50 -5.10
CA ASN B 405 -6.43 -30.64 -6.31
C ASN B 405 -7.34 -29.44 -6.10
N LYS B 406 -7.97 -29.43 -4.93
CA LYS B 406 -8.86 -28.34 -4.54
C LYS B 406 -8.40 -27.78 -3.22
N PRO B 407 -8.34 -26.46 -3.07
CA PRO B 407 -7.46 -25.82 -2.11
C PRO B 407 -8.27 -25.67 -0.85
N LEU B 408 -7.58 -25.43 0.26
CA LEU B 408 -8.36 -25.22 1.48
C LEU B 408 -9.35 -24.08 1.23
N LYS B 409 -10.61 -24.29 1.60
CA LYS B 409 -11.62 -23.25 1.57
C LYS B 409 -11.67 -22.60 2.94
N PHE B 410 -11.80 -21.29 2.95
CA PHE B 410 -11.92 -20.56 4.21
C PHE B 410 -13.29 -19.93 4.20
N PHE B 411 -14.02 -20.08 5.28
CA PHE B 411 -15.36 -19.54 5.34
C PHE B 411 -15.34 -18.41 6.35
N GLY B 412 -15.72 -17.22 5.90
CA GLY B 412 -15.79 -16.05 6.73
C GLY B 412 -17.12 -15.33 6.64
N LYS B 413 -17.90 -15.44 7.72
CA LYS B 413 -18.92 -14.43 7.97
C LYS B 413 -18.24 -13.07 7.95
N MET B 414 -18.89 -12.13 7.25
CA MET B 414 -18.52 -10.74 7.00
C MET B 414 -18.01 -10.64 5.56
N SER B 415 -18.78 -9.94 4.71
CA SER B 415 -18.40 -9.68 3.32
C SER B 415 -19.21 -8.50 2.81
N TYR B 416 -18.99 -8.17 1.54
CA TYR B 416 -19.46 -6.93 0.96
C TYR B 416 -20.41 -7.20 -0.21
N VAL B 417 -21.39 -6.30 -0.37
CA VAL B 417 -22.24 -6.34 -1.55
C VAL B 417 -21.39 -6.05 -2.78
N THR B 418 -21.38 -6.98 -3.73
CA THR B 418 -20.67 -6.74 -4.97
C THR B 418 -21.35 -5.61 -5.71
N PRO B 419 -20.59 -4.65 -6.30
CA PRO B 419 -21.24 -3.54 -7.02
C PRO B 419 -21.83 -4.05 -8.34
MG MG E . 4.09 9.26 -1.07
#